data_2ROO
#
_entry.id   2ROO
#
_entity_poly.entity_id   1
_entity_poly.type   'polypeptide(L)'
_entity_poly.pdbx_seq_one_letter_code
;CGSKRAWCKEKKDCCCGYNCVYAWYNQQSSCERKWKYLFTGEC
;
_entity_poly.pdbx_strand_id   A
#
# COMPACT_ATOMS: atom_id res chain seq x y z
N CYS A 1 -1.15 -9.07 -4.39
CA CYS A 1 -0.81 -7.67 -4.00
C CYS A 1 -1.24 -7.43 -2.55
N GLY A 2 -0.53 -6.61 -1.82
CA GLY A 2 -0.92 -6.35 -0.42
C GLY A 2 -2.09 -5.36 -0.40
N SER A 3 -3.14 -5.67 0.32
CA SER A 3 -4.31 -4.76 0.40
C SER A 3 -4.23 -3.95 1.69
N LYS A 4 -5.25 -3.22 2.06
CA LYS A 4 -5.15 -2.45 3.33
C LYS A 4 -4.60 -3.38 4.40
N ARG A 5 -3.59 -2.98 5.10
CA ARG A 5 -3.02 -3.88 6.13
C ARG A 5 -2.49 -5.13 5.45
N ALA A 6 -1.33 -5.07 4.85
CA ALA A 6 -0.77 -6.27 4.16
C ALA A 6 0.60 -5.94 3.55
N TRP A 7 1.56 -6.77 3.83
CA TRP A 7 2.95 -6.54 3.31
C TRP A 7 2.96 -6.35 1.78
N CYS A 8 3.75 -5.42 1.30
CA CYS A 8 3.88 -5.20 -0.18
C CYS A 8 5.35 -5.37 -0.57
N LYS A 9 5.62 -5.59 -1.82
CA LYS A 9 7.03 -5.76 -2.27
C LYS A 9 7.62 -4.38 -2.56
N GLU A 10 6.89 -3.56 -3.26
CA GLU A 10 7.38 -2.21 -3.63
C GLU A 10 6.20 -1.23 -3.63
N LYS A 11 6.41 -0.06 -4.16
CA LYS A 11 5.34 0.96 -4.23
C LYS A 11 4.17 0.46 -5.10
N LYS A 12 4.47 -0.19 -6.19
CA LYS A 12 3.39 -0.68 -7.09
C LYS A 12 2.92 -2.08 -6.65
N ASP A 13 3.53 -2.65 -5.65
CA ASP A 13 3.12 -4.03 -5.23
C ASP A 13 1.87 -4.02 -4.34
N CYS A 14 1.34 -2.87 -4.00
CA CYS A 14 0.14 -2.86 -3.15
C CYS A 14 -1.09 -2.98 -4.04
N CYS A 15 -2.11 -3.66 -3.57
CA CYS A 15 -3.32 -3.82 -4.39
C CYS A 15 -3.80 -2.47 -4.90
N CYS A 16 -4.61 -2.47 -5.91
CA CYS A 16 -5.10 -1.19 -6.47
C CYS A 16 -5.82 -0.38 -5.41
N GLY A 17 -5.56 0.90 -5.37
CA GLY A 17 -6.22 1.78 -4.37
C GLY A 17 -5.42 1.73 -3.06
N TYR A 18 -4.31 1.05 -3.03
CA TYR A 18 -3.52 0.96 -1.78
C TYR A 18 -2.05 1.28 -2.05
N ASN A 19 -1.40 1.98 -1.16
CA ASN A 19 0.04 2.35 -1.34
C ASN A 19 0.90 1.45 -0.44
N CYS A 20 2.19 1.45 -0.64
CA CYS A 20 3.08 0.61 0.22
C CYS A 20 3.80 1.50 1.23
N VAL A 21 3.77 1.14 2.49
CA VAL A 21 4.46 1.95 3.53
C VAL A 21 5.53 1.09 4.21
N TYR A 22 6.74 1.58 4.29
CA TYR A 22 7.82 0.78 4.94
C TYR A 22 7.69 0.90 6.48
N ALA A 23 7.58 -0.20 7.14
CA ALA A 23 7.45 -0.15 8.64
C ALA A 23 8.79 -0.49 9.29
N TRP A 24 9.72 0.41 9.26
CA TRP A 24 11.04 0.14 9.91
C TRP A 24 10.83 -0.26 11.36
N TYR A 25 9.87 0.32 12.04
CA TYR A 25 9.63 -0.05 13.47
C TYR A 25 9.39 -1.55 13.57
N ASN A 26 8.91 -2.16 12.53
CA ASN A 26 8.67 -3.63 12.55
C ASN A 26 9.05 -4.23 11.19
N GLN A 27 9.98 -3.61 10.51
CA GLN A 27 10.39 -4.13 9.17
C GLN A 27 9.15 -4.39 8.33
N GLN A 28 9.31 -5.02 7.19
CA GLN A 28 8.14 -5.31 6.32
C GLN A 28 7.42 -4.02 5.95
N SER A 29 6.73 -4.00 4.84
CA SER A 29 5.98 -2.78 4.42
C SER A 29 4.48 -3.09 4.43
N SER A 30 3.68 -2.24 5.01
CA SER A 30 2.22 -2.51 5.07
C SER A 30 1.45 -1.58 4.11
N CYS A 31 0.65 -2.14 3.26
CA CYS A 31 -0.14 -1.32 2.31
C CYS A 31 -1.25 -0.56 3.05
N GLU A 32 -1.60 0.60 2.56
CA GLU A 32 -2.70 1.39 3.21
C GLU A 32 -3.43 2.17 2.12
N ARG A 33 -4.70 2.42 2.29
CA ARG A 33 -5.47 3.14 1.23
C ARG A 33 -4.78 4.44 0.82
N LYS A 34 -5.54 5.29 0.13
CA LYS A 34 -5.05 6.61 -0.37
C LYS A 34 -5.17 6.68 -1.89
N TRP A 35 -6.13 7.44 -2.37
CA TRP A 35 -6.32 7.57 -3.84
C TRP A 35 -6.02 9.01 -4.23
N LYS A 36 -6.91 9.89 -3.92
CA LYS A 36 -6.72 11.33 -4.22
C LYS A 36 -5.51 11.87 -3.47
N TYR A 37 -5.26 11.32 -2.33
CA TYR A 37 -4.11 11.78 -1.50
C TYR A 37 -2.79 11.24 -2.06
N LEU A 38 -2.81 10.70 -3.26
CA LEU A 38 -1.55 10.16 -3.84
C LEU A 38 -1.37 10.70 -5.26
N PHE A 39 -0.14 10.92 -5.66
CA PHE A 39 0.13 11.44 -7.03
C PHE A 39 -0.47 10.50 -8.07
N THR A 40 -1.00 11.04 -9.14
CA THR A 40 -1.59 10.18 -10.20
C THR A 40 -2.41 9.07 -9.56
N GLY A 41 -1.82 7.93 -9.40
CA GLY A 41 -2.53 6.77 -8.79
C GLY A 41 -2.48 5.59 -9.77
N GLU A 42 -3.59 4.94 -9.99
CA GLU A 42 -3.59 3.78 -10.92
C GLU A 42 -2.51 2.79 -10.48
N CYS A 43 -2.92 1.64 -10.02
CA CYS A 43 -1.93 0.63 -9.54
C CYS A 43 -1.56 -0.34 -10.66
N CYS A 1 -0.94 -9.09 -4.13
CA CYS A 1 -0.88 -7.61 -3.92
C CYS A 1 -1.15 -7.28 -2.45
N GLY A 2 -0.37 -6.41 -1.87
CA GLY A 2 -0.63 -6.03 -0.45
C GLY A 2 -1.88 -5.17 -0.40
N SER A 3 -2.90 -5.62 0.28
CA SER A 3 -4.16 -4.81 0.36
C SER A 3 -4.19 -4.04 1.67
N LYS A 4 -5.33 -3.58 2.09
CA LYS A 4 -5.39 -2.84 3.38
C LYS A 4 -4.73 -3.71 4.45
N ARG A 5 -3.75 -3.18 5.13
CA ARG A 5 -3.05 -4.00 6.17
C ARG A 5 -2.53 -5.27 5.51
N ALA A 6 -1.34 -5.21 4.96
CA ALA A 6 -0.76 -6.41 4.28
C ALA A 6 0.61 -6.07 3.69
N TRP A 7 1.57 -6.93 3.88
CA TRP A 7 2.94 -6.69 3.35
C TRP A 7 2.90 -6.34 1.85
N CYS A 8 3.78 -5.45 1.44
CA CYS A 8 3.84 -5.05 0.00
C CYS A 8 5.27 -5.31 -0.51
N LYS A 9 5.43 -5.64 -1.77
CA LYS A 9 6.80 -5.90 -2.30
C LYS A 9 7.34 -4.63 -2.95
N GLU A 10 6.48 -3.82 -3.52
CA GLU A 10 6.93 -2.54 -4.16
C GLU A 10 5.76 -1.56 -4.16
N LYS A 11 5.99 -0.37 -4.64
CA LYS A 11 4.89 0.64 -4.69
C LYS A 11 3.77 0.08 -5.56
N LYS A 12 4.11 -0.40 -6.73
CA LYS A 12 3.10 -0.95 -7.66
C LYS A 12 2.63 -2.34 -7.22
N ASP A 13 3.50 -3.14 -6.65
CA ASP A 13 3.11 -4.51 -6.24
C ASP A 13 1.99 -4.46 -5.21
N CYS A 14 1.54 -3.30 -4.84
CA CYS A 14 0.42 -3.22 -3.86
C CYS A 14 -0.90 -3.19 -4.62
N CYS A 15 -1.93 -3.76 -4.07
CA CYS A 15 -3.23 -3.75 -4.78
C CYS A 15 -3.66 -2.32 -5.09
N CYS A 16 -4.20 -2.11 -6.24
CA CYS A 16 -4.63 -0.75 -6.62
C CYS A 16 -5.57 -0.22 -5.54
N GLY A 17 -5.27 0.95 -5.01
CA GLY A 17 -6.13 1.53 -3.94
C GLY A 17 -5.34 1.58 -2.64
N TYR A 18 -4.17 1.00 -2.61
CA TYR A 18 -3.36 1.01 -1.35
C TYR A 18 -1.94 1.53 -1.61
N ASN A 19 -1.39 2.25 -0.68
CA ASN A 19 0.00 2.78 -0.83
C ASN A 19 0.96 1.93 0.00
N CYS A 20 2.17 1.74 -0.45
CA CYS A 20 3.14 0.92 0.32
C CYS A 20 3.86 1.82 1.33
N VAL A 21 3.88 1.43 2.57
CA VAL A 21 4.55 2.26 3.62
C VAL A 21 5.52 1.41 4.43
N TYR A 22 6.70 1.93 4.70
CA TYR A 22 7.70 1.17 5.48
C TYR A 22 7.19 0.99 6.92
N ALA A 23 7.40 -0.17 7.49
CA ALA A 23 6.92 -0.44 8.87
C ALA A 23 7.96 0.03 9.89
N TRP A 24 8.11 -0.72 10.94
CA TRP A 24 9.09 -0.33 11.99
C TRP A 24 9.24 -1.44 13.05
N TYR A 25 8.18 -2.06 13.49
CA TYR A 25 8.34 -3.15 14.51
C TYR A 25 8.28 -4.52 13.82
N ASN A 26 8.33 -4.54 12.52
CA ASN A 26 8.29 -5.83 11.77
C ASN A 26 9.27 -5.76 10.59
N GLN A 27 9.97 -4.66 10.45
CA GLN A 27 10.94 -4.51 9.33
C GLN A 27 10.28 -4.95 8.02
N GLN A 28 9.00 -4.72 7.87
CA GLN A 28 8.29 -5.10 6.62
C GLN A 28 7.65 -3.86 6.00
N SER A 29 6.79 -4.05 5.05
CA SER A 29 6.09 -2.90 4.40
C SER A 29 4.58 -3.18 4.44
N SER A 30 3.81 -2.30 5.01
CA SER A 30 2.34 -2.55 5.09
C SER A 30 1.60 -1.54 4.23
N CYS A 31 0.86 -2.01 3.25
CA CYS A 31 0.11 -1.06 2.40
C CYS A 31 -0.98 -0.38 3.22
N GLU A 32 -1.23 0.86 2.96
CA GLU A 32 -2.27 1.61 3.71
C GLU A 32 -2.90 2.65 2.80
N ARG A 33 -4.21 2.76 2.79
CA ARG A 33 -4.84 3.78 1.91
C ARG A 33 -4.36 5.15 2.41
N LYS A 34 -3.56 5.83 1.64
CA LYS A 34 -3.03 7.15 2.08
C LYS A 34 -4.15 8.20 2.12
N TRP A 35 -5.28 7.92 1.54
CA TRP A 35 -6.38 8.92 1.56
C TRP A 35 -5.90 10.23 0.93
N LYS A 36 -6.61 11.31 1.19
CA LYS A 36 -6.24 12.65 0.65
C LYS A 36 -6.93 12.88 -0.69
N TYR A 37 -7.65 11.91 -1.18
CA TYR A 37 -8.35 12.08 -2.48
C TYR A 37 -9.81 11.66 -2.35
N LEU A 38 -10.63 12.50 -1.80
CA LEU A 38 -12.07 12.16 -1.65
C LEU A 38 -12.67 12.02 -3.04
N PHE A 39 -13.76 11.29 -3.17
CA PHE A 39 -14.40 11.09 -4.51
C PHE A 39 -13.43 11.52 -5.62
N THR A 40 -12.48 10.68 -5.93
CA THR A 40 -11.48 11.03 -6.98
C THR A 40 -10.77 9.75 -7.42
N GLY A 41 -10.42 9.65 -8.67
CA GLY A 41 -9.72 8.42 -9.15
C GLY A 41 -8.41 8.22 -8.38
N GLU A 42 -8.03 7.00 -8.15
CA GLU A 42 -6.77 6.72 -7.41
C GLU A 42 -6.08 5.50 -8.00
N CYS A 43 -4.79 5.37 -7.82
CA CYS A 43 -4.06 4.20 -8.37
C CYS A 43 -4.08 4.26 -9.90
N CYS A 1 -1.04 -9.17 -3.98
CA CYS A 1 -0.99 -7.71 -3.69
C CYS A 1 -1.45 -7.45 -2.24
N GLY A 2 -0.67 -6.74 -1.46
CA GLY A 2 -1.11 -6.45 -0.07
C GLY A 2 -2.29 -5.47 -0.12
N SER A 3 -3.28 -5.68 0.69
CA SER A 3 -4.47 -4.76 0.71
C SER A 3 -4.33 -3.80 1.91
N LYS A 4 -5.39 -3.53 2.60
CA LYS A 4 -5.28 -2.62 3.78
C LYS A 4 -4.33 -3.28 4.78
N ARG A 5 -3.33 -2.56 5.24
CA ARG A 5 -2.35 -3.15 6.18
C ARG A 5 -2.01 -4.56 5.73
N ALA A 6 -0.99 -4.67 4.93
CA ALA A 6 -0.59 -6.00 4.41
C ALA A 6 0.76 -5.87 3.71
N TRP A 7 1.60 -6.85 3.92
CA TRP A 7 2.97 -6.85 3.35
C TRP A 7 2.98 -6.49 1.86
N CYS A 8 3.85 -5.58 1.49
CA CYS A 8 3.98 -5.16 0.05
C CYS A 8 5.43 -5.43 -0.38
N LYS A 9 5.66 -5.67 -1.65
CA LYS A 9 7.06 -5.90 -2.12
C LYS A 9 7.61 -4.60 -2.73
N GLU A 10 6.73 -3.78 -3.26
CA GLU A 10 7.16 -2.49 -3.90
C GLU A 10 6.10 -1.42 -3.65
N LYS A 11 6.35 -0.22 -4.14
CA LYS A 11 5.35 0.88 -3.96
C LYS A 11 4.05 0.49 -4.65
N LYS A 12 4.14 0.01 -5.87
CA LYS A 12 2.90 -0.39 -6.60
C LYS A 12 2.50 -1.82 -6.21
N ASP A 13 3.42 -2.60 -5.71
CA ASP A 13 3.09 -4.00 -5.32
C ASP A 13 1.80 -4.02 -4.50
N CYS A 14 1.34 -2.88 -4.05
CA CYS A 14 0.10 -2.87 -3.26
C CYS A 14 -1.06 -2.87 -4.25
N CYS A 15 -2.03 -3.70 -4.01
CA CYS A 15 -3.18 -3.77 -4.95
C CYS A 15 -3.58 -2.36 -5.37
N CYS A 16 -4.02 -2.21 -6.58
CA CYS A 16 -4.41 -0.86 -7.08
C CYS A 16 -5.35 -0.21 -6.06
N GLY A 17 -5.02 0.97 -5.60
CA GLY A 17 -5.88 1.66 -4.60
C GLY A 17 -5.22 1.59 -3.22
N TYR A 18 -4.07 0.98 -3.15
CA TYR A 18 -3.35 0.87 -1.85
C TYR A 18 -1.89 1.32 -2.03
N ASN A 19 -1.34 2.00 -1.05
CA ASN A 19 0.08 2.48 -1.16
C ASN A 19 0.98 1.59 -0.31
N CYS A 20 2.27 1.56 -0.57
CA CYS A 20 3.16 0.69 0.25
C CYS A 20 3.75 1.49 1.42
N VAL A 21 3.35 1.15 2.62
CA VAL A 21 3.88 1.87 3.83
C VAL A 21 5.15 1.18 4.30
N TYR A 22 6.20 1.92 4.55
CA TYR A 22 7.45 1.29 5.02
C TYR A 22 7.36 1.00 6.52
N ALA A 23 7.57 -0.23 6.91
CA ALA A 23 7.47 -0.59 8.34
C ALA A 23 8.84 -1.02 8.89
N TRP A 24 9.33 -0.28 9.85
CA TRP A 24 10.65 -0.59 10.47
C TRP A 24 10.75 -2.04 10.98
N TYR A 25 9.66 -2.77 11.06
CA TYR A 25 9.77 -4.17 11.59
C TYR A 25 9.91 -5.15 10.42
N ASN A 26 10.89 -6.02 10.50
CA ASN A 26 11.11 -7.01 9.41
C ASN A 26 11.26 -6.27 8.08
N GLN A 27 11.85 -5.09 8.09
CA GLN A 27 12.02 -4.32 6.81
C GLN A 27 10.86 -4.68 5.87
N GLN A 28 9.68 -4.75 6.40
CA GLN A 28 8.47 -5.11 5.61
C GLN A 28 7.56 -3.89 5.49
N SER A 29 6.64 -3.89 4.56
CA SER A 29 5.73 -2.72 4.40
C SER A 29 4.27 -3.16 4.47
N SER A 30 3.41 -2.29 4.97
CA SER A 30 1.98 -2.63 5.07
C SER A 30 1.18 -1.81 4.05
N CYS A 31 0.55 -2.46 3.11
CA CYS A 31 -0.25 -1.70 2.10
C CYS A 31 -1.43 -1.02 2.79
N GLU A 32 -1.64 0.26 2.57
CA GLU A 32 -2.77 0.94 3.25
C GLU A 32 -3.36 2.05 2.35
N ARG A 33 -4.66 2.10 2.27
CA ARG A 33 -5.32 3.15 1.44
C ARG A 33 -5.26 4.52 2.16
N LYS A 34 -4.45 5.44 1.69
CA LYS A 34 -4.38 6.77 2.36
C LYS A 34 -3.34 7.69 1.70
N TRP A 35 -3.27 7.70 0.40
CA TRP A 35 -2.29 8.60 -0.29
C TRP A 35 -3.05 9.55 -1.21
N LYS A 36 -2.37 10.21 -2.11
CA LYS A 36 -3.04 11.17 -3.02
C LYS A 36 -4.06 10.41 -3.89
N TYR A 37 -5.11 9.90 -3.30
CA TYR A 37 -6.13 9.17 -4.08
C TYR A 37 -7.46 9.92 -4.02
N LEU A 38 -7.42 11.21 -4.18
CA LEU A 38 -8.67 12.01 -4.13
C LEU A 38 -9.57 11.56 -5.28
N PHE A 39 -9.00 11.34 -6.44
CA PHE A 39 -9.80 10.90 -7.62
C PHE A 39 -8.86 10.79 -8.83
N THR A 40 -7.88 9.92 -8.75
CA THR A 40 -6.92 9.76 -9.87
C THR A 40 -7.52 8.88 -10.97
N GLY A 41 -8.68 8.34 -10.75
CA GLY A 41 -9.30 7.46 -11.78
C GLY A 41 -8.42 6.22 -11.95
N GLU A 42 -8.77 5.16 -11.28
CA GLU A 42 -7.96 3.90 -11.37
C GLU A 42 -6.50 4.22 -11.04
N CYS A 43 -5.99 3.63 -9.97
CA CYS A 43 -4.57 3.88 -9.55
C CYS A 43 -3.87 4.84 -10.53
N CYS A 1 -0.78 -8.78 -4.70
CA CYS A 1 -0.58 -7.39 -4.21
C CYS A 1 -1.13 -7.27 -2.79
N GLY A 2 -0.48 -6.51 -1.94
CA GLY A 2 -0.99 -6.37 -0.56
C GLY A 2 -2.30 -5.56 -0.60
N SER A 3 -3.27 -5.93 0.21
CA SER A 3 -4.56 -5.20 0.22
C SER A 3 -4.68 -4.38 1.51
N LYS A 4 -5.86 -4.11 1.97
CA LYS A 4 -6.01 -3.33 3.22
C LYS A 4 -5.20 -4.00 4.32
N ARG A 5 -4.24 -3.31 4.86
CA ARG A 5 -3.39 -3.90 5.91
C ARG A 5 -2.81 -5.22 5.39
N ALA A 6 -1.66 -5.14 4.79
CA ALA A 6 -1.00 -6.35 4.22
C ALA A 6 0.38 -5.97 3.69
N TRP A 7 1.38 -6.66 4.15
CA TRP A 7 2.77 -6.36 3.72
C TRP A 7 2.83 -6.04 2.23
N CYS A 8 3.60 -5.05 1.86
CA CYS A 8 3.73 -4.68 0.42
C CYS A 8 5.15 -5.02 -0.04
N LYS A 9 5.28 -5.52 -1.23
CA LYS A 9 6.61 -5.89 -1.74
C LYS A 9 7.25 -4.66 -2.39
N GLU A 10 6.46 -3.86 -3.07
CA GLU A 10 6.99 -2.63 -3.71
C GLU A 10 5.86 -1.60 -3.77
N LYS A 11 6.18 -0.36 -3.98
CA LYS A 11 5.12 0.68 -4.05
C LYS A 11 4.14 0.30 -5.16
N LYS A 12 4.61 -0.34 -6.21
CA LYS A 12 3.69 -0.74 -7.30
C LYS A 12 3.11 -2.13 -6.98
N ASP A 13 3.54 -2.76 -5.91
CA ASP A 13 3.01 -4.12 -5.60
C ASP A 13 1.81 -4.05 -4.65
N CYS A 14 1.32 -2.88 -4.31
CA CYS A 14 0.14 -2.83 -3.42
C CYS A 14 -1.10 -2.89 -4.30
N CYS A 15 -2.10 -3.61 -3.84
CA CYS A 15 -3.34 -3.67 -4.67
C CYS A 15 -3.80 -2.28 -5.05
N CYS A 16 -4.38 -2.12 -6.20
CA CYS A 16 -4.83 -0.78 -6.61
C CYS A 16 -5.69 -0.16 -5.54
N GLY A 17 -5.26 0.95 -5.01
CA GLY A 17 -6.08 1.63 -3.89
C GLY A 17 -5.24 1.71 -2.61
N TYR A 18 -4.16 0.98 -2.55
CA TYR A 18 -3.30 1.01 -1.32
C TYR A 18 -1.86 1.34 -1.73
N ASN A 19 -1.14 2.07 -0.92
CA ASN A 19 0.27 2.42 -1.25
C ASN A 19 1.23 1.63 -0.34
N CYS A 20 2.52 1.75 -0.54
CA CYS A 20 3.48 1.00 0.32
C CYS A 20 3.88 1.85 1.53
N VAL A 21 3.92 1.25 2.68
CA VAL A 21 4.33 1.98 3.91
C VAL A 21 5.49 1.22 4.53
N TYR A 22 6.70 1.66 4.33
CA TYR A 22 7.84 0.93 4.90
C TYR A 22 7.80 1.03 6.42
N ALA A 23 7.83 -0.08 7.11
CA ALA A 23 7.80 -0.04 8.60
C ALA A 23 9.23 0.06 9.12
N TRP A 24 9.65 1.24 9.49
CA TRP A 24 11.04 1.38 10.01
C TRP A 24 11.28 0.32 11.10
N TYR A 25 10.24 -0.11 11.78
CA TYR A 25 10.42 -1.15 12.83
C TYR A 25 10.02 -2.51 12.25
N ASN A 26 10.63 -3.58 12.71
CA ASN A 26 10.30 -4.92 12.15
C ASN A 26 10.40 -4.87 10.62
N GLN A 27 10.97 -3.80 10.10
CA GLN A 27 11.12 -3.66 8.62
C GLN A 27 9.82 -4.08 7.95
N GLN A 28 9.89 -4.62 6.77
CA GLN A 28 8.64 -5.05 6.06
C GLN A 28 7.71 -3.85 5.85
N SER A 29 7.17 -3.73 4.67
CA SER A 29 6.25 -2.60 4.36
C SER A 29 4.79 -3.06 4.52
N SER A 30 3.85 -2.15 4.48
CA SER A 30 2.43 -2.53 4.62
C SER A 30 1.59 -1.68 3.67
N CYS A 31 0.74 -2.29 2.88
CA CYS A 31 -0.10 -1.50 1.94
C CYS A 31 -1.18 -0.75 2.72
N GLU A 32 -1.33 0.52 2.48
CA GLU A 32 -2.38 1.29 3.21
C GLU A 32 -2.90 2.44 2.33
N ARG A 33 -4.19 2.53 2.19
CA ARG A 33 -4.79 3.62 1.37
C ARG A 33 -4.51 4.97 2.03
N LYS A 34 -4.32 6.01 1.24
CA LYS A 34 -4.07 7.36 1.81
C LYS A 34 -5.07 8.37 1.25
N TRP A 35 -4.64 9.12 0.26
CA TRP A 35 -5.53 10.16 -0.35
C TRP A 35 -5.77 9.84 -1.83
N LYS A 36 -6.81 10.37 -2.37
CA LYS A 36 -7.14 10.11 -3.80
C LYS A 36 -6.08 10.72 -4.72
N TYR A 37 -5.22 11.53 -4.19
CA TYR A 37 -4.19 12.16 -5.05
C TYR A 37 -3.25 11.08 -5.56
N LEU A 38 -3.38 9.89 -5.06
CA LEU A 38 -2.49 8.78 -5.50
C LEU A 38 -2.75 8.54 -6.99
N PHE A 39 -3.99 8.70 -7.42
CA PHE A 39 -4.33 8.50 -8.86
C PHE A 39 -3.36 9.34 -9.71
N THR A 40 -3.68 9.58 -10.96
CA THR A 40 -2.78 10.39 -11.84
C THR A 40 -1.73 9.47 -12.49
N GLY A 41 -2.05 8.21 -12.65
CA GLY A 41 -1.09 7.27 -13.28
C GLY A 41 -0.45 6.36 -12.22
N GLU A 42 -0.80 6.54 -10.97
CA GLU A 42 -0.21 5.69 -9.90
C GLU A 42 -1.34 5.06 -9.06
N CYS A 43 -1.40 3.76 -9.03
CA CYS A 43 -2.46 3.10 -8.21
C CYS A 43 -2.06 3.16 -6.74
N CYS A 1 -1.29 -9.21 -4.02
CA CYS A 1 -0.91 -7.80 -3.74
C CYS A 1 -1.23 -7.45 -2.29
N GLY A 2 -0.41 -6.69 -1.64
CA GLY A 2 -0.74 -6.33 -0.24
C GLY A 2 -2.03 -5.54 -0.23
N SER A 3 -3.04 -6.03 0.44
CA SER A 3 -4.34 -5.31 0.49
C SER A 3 -4.41 -4.48 1.76
N LYS A 4 -5.57 -4.04 2.15
CA LYS A 4 -5.66 -3.22 3.39
C LYS A 4 -4.83 -3.90 4.48
N ARG A 5 -3.86 -3.21 5.02
CA ARG A 5 -3.01 -3.83 6.07
C ARG A 5 -2.39 -5.10 5.49
N ALA A 6 -1.27 -4.99 4.84
CA ALA A 6 -0.62 -6.21 4.25
C ALA A 6 0.74 -5.87 3.62
N TRP A 7 1.62 -6.84 3.59
CA TRP A 7 3.00 -6.63 3.03
C TRP A 7 2.97 -6.04 1.61
N CYS A 8 4.02 -5.36 1.25
CA CYS A 8 4.14 -4.74 -0.11
C CYS A 8 5.51 -5.09 -0.70
N LYS A 9 5.58 -5.47 -1.94
CA LYS A 9 6.93 -5.76 -2.54
C LYS A 9 7.48 -4.45 -3.10
N GLU A 10 6.66 -3.74 -3.82
CA GLU A 10 7.07 -2.42 -4.40
C GLU A 10 5.88 -1.49 -4.31
N LYS A 11 6.03 -0.27 -4.73
CA LYS A 11 4.90 0.69 -4.64
C LYS A 11 3.69 0.13 -5.41
N LYS A 12 3.91 -0.36 -6.61
CA LYS A 12 2.79 -0.93 -7.41
C LYS A 12 2.32 -2.26 -6.81
N ASP A 13 3.23 -3.03 -6.25
CA ASP A 13 2.87 -4.37 -5.69
C ASP A 13 1.71 -4.29 -4.71
N CYS A 14 1.25 -3.11 -4.35
CA CYS A 14 0.13 -3.04 -3.40
C CYS A 14 -1.18 -3.14 -4.16
N CYS A 15 -2.16 -3.74 -3.58
CA CYS A 15 -3.45 -3.87 -4.27
C CYS A 15 -3.89 -2.47 -4.72
N CYS A 16 -4.39 -2.36 -5.91
CA CYS A 16 -4.81 -1.04 -6.42
C CYS A 16 -5.63 -0.31 -5.35
N GLY A 17 -5.20 0.86 -4.96
CA GLY A 17 -5.96 1.63 -3.94
C GLY A 17 -5.13 1.76 -2.66
N TYR A 18 -4.00 1.08 -2.57
CA TYR A 18 -3.16 1.18 -1.34
C TYR A 18 -1.77 1.56 -1.66
N ASN A 19 -1.06 2.37 -0.90
CA ASN A 19 0.35 2.77 -1.21
C ASN A 19 1.31 1.93 -0.38
N CYS A 20 2.57 1.88 -0.73
CA CYS A 20 3.53 1.06 0.05
C CYS A 20 4.14 1.92 1.17
N VAL A 21 4.14 1.40 2.38
CA VAL A 21 4.71 2.18 3.53
C VAL A 21 5.61 1.24 4.34
N TYR A 22 6.51 1.79 5.12
CA TYR A 22 7.42 0.93 5.94
C TYR A 22 6.96 0.92 7.40
N ALA A 23 6.78 -0.25 7.96
CA ALA A 23 6.34 -0.32 9.39
C ALA A 23 7.57 -0.44 10.29
N TRP A 24 7.84 0.56 11.09
CA TRP A 24 9.03 0.51 11.98
C TRP A 24 9.01 -0.76 12.84
N TYR A 25 8.03 -1.61 12.67
CA TYR A 25 7.97 -2.87 13.47
C TYR A 25 7.90 -4.07 12.53
N ASN A 26 8.46 -5.18 12.94
CA ASN A 26 8.46 -6.39 12.06
C ASN A 26 9.08 -6.01 10.71
N GLN A 27 9.78 -4.90 10.68
CA GLN A 27 10.45 -4.42 9.42
C GLN A 27 9.76 -4.97 8.17
N GLN A 28 8.54 -4.58 7.93
CA GLN A 28 7.79 -5.06 6.72
C GLN A 28 7.14 -3.88 6.01
N SER A 29 6.88 -4.00 4.73
CA SER A 29 6.21 -2.90 4.00
C SER A 29 4.70 -3.11 4.07
N SER A 30 3.97 -2.21 4.66
CA SER A 30 2.50 -2.40 4.78
C SER A 30 1.74 -1.54 3.77
N CYS A 31 0.92 -2.14 2.96
CA CYS A 31 0.14 -1.34 1.97
C CYS A 31 -0.87 -0.46 2.72
N GLU A 32 -0.76 0.83 2.56
CA GLU A 32 -1.71 1.76 3.24
C GLU A 32 -1.96 2.94 2.31
N ARG A 33 -3.19 3.18 1.94
CA ARG A 33 -3.47 4.33 1.03
C ARG A 33 -3.28 5.65 1.77
N LYS A 34 -3.23 6.73 1.03
CA LYS A 34 -3.06 8.07 1.65
C LYS A 34 -4.18 8.99 1.15
N TRP A 35 -5.38 8.49 1.05
CA TRP A 35 -6.50 9.34 0.55
C TRP A 35 -6.16 9.85 -0.84
N LYS A 36 -5.48 10.96 -0.91
CA LYS A 36 -5.08 11.54 -2.23
C LYS A 36 -5.76 10.78 -3.37
N TYR A 37 -7.00 11.05 -3.62
CA TYR A 37 -7.72 10.34 -4.71
C TYR A 37 -6.96 10.50 -6.03
N LEU A 38 -5.92 9.72 -6.20
CA LEU A 38 -5.10 9.77 -7.44
C LEU A 38 -6.00 9.51 -8.65
N PHE A 39 -5.44 9.40 -9.82
CA PHE A 39 -6.27 9.14 -11.02
C PHE A 39 -5.36 8.73 -12.19
N THR A 40 -5.23 7.45 -12.41
CA THR A 40 -4.40 6.91 -13.52
C THR A 40 -4.90 5.49 -13.79
N GLY A 41 -5.47 5.25 -14.92
CA GLY A 41 -5.99 3.88 -15.20
C GLY A 41 -7.18 3.65 -14.27
N GLU A 42 -7.27 2.49 -13.66
CA GLU A 42 -8.41 2.24 -12.73
C GLU A 42 -7.95 1.37 -11.56
N CYS A 43 -7.61 1.97 -10.45
CA CYS A 43 -7.18 1.17 -9.28
C CYS A 43 -8.36 0.99 -8.32
N CYS A 1 -0.79 -8.92 -4.65
CA CYS A 1 -0.68 -7.49 -4.24
C CYS A 1 -1.15 -7.32 -2.79
N GLY A 2 -0.44 -6.58 -1.99
CA GLY A 2 -0.87 -6.39 -0.57
C GLY A 2 -1.96 -5.31 -0.50
N SER A 3 -3.03 -5.58 0.20
CA SER A 3 -4.14 -4.58 0.33
C SER A 3 -4.07 -3.95 1.72
N LYS A 4 -5.12 -3.32 2.18
CA LYS A 4 -5.06 -2.70 3.54
C LYS A 4 -4.40 -3.70 4.49
N ARG A 5 -3.44 -3.29 5.25
CA ARG A 5 -2.77 -4.25 6.17
C ARG A 5 -2.29 -5.45 5.36
N ALA A 6 -1.14 -5.35 4.73
CA ALA A 6 -0.65 -6.51 3.92
C ALA A 6 0.76 -6.22 3.37
N TRP A 7 1.68 -7.10 3.64
CA TRP A 7 3.08 -6.92 3.16
C TRP A 7 3.11 -6.58 1.67
N CYS A 8 3.86 -5.56 1.32
CA CYS A 8 3.99 -5.18 -0.12
C CYS A 8 5.46 -5.32 -0.52
N LYS A 9 5.74 -5.57 -1.77
CA LYS A 9 7.16 -5.71 -2.20
C LYS A 9 7.66 -4.36 -2.71
N GLU A 10 6.76 -3.53 -3.17
CA GLU A 10 7.17 -2.18 -3.67
C GLU A 10 5.93 -1.29 -3.80
N LYS A 11 6.08 -0.15 -4.38
CA LYS A 11 4.92 0.77 -4.54
C LYS A 11 3.84 0.08 -5.37
N LYS A 12 4.23 -0.53 -6.45
CA LYS A 12 3.25 -1.24 -7.33
C LYS A 12 2.72 -2.50 -6.63
N ASP A 13 3.46 -3.05 -5.72
CA ASP A 13 3.03 -4.30 -5.04
C ASP A 13 1.75 -4.10 -4.21
N CYS A 14 1.38 -2.88 -3.89
CA CYS A 14 0.14 -2.71 -3.10
C CYS A 14 -1.04 -2.73 -4.07
N CYS A 15 -1.96 -3.64 -3.87
CA CYS A 15 -3.13 -3.77 -4.80
C CYS A 15 -3.88 -2.46 -4.91
N CYS A 16 -4.99 -2.53 -5.59
CA CYS A 16 -5.89 -1.36 -5.75
C CYS A 16 -5.15 -0.05 -5.54
N GLY A 17 -5.82 0.87 -4.95
CA GLY A 17 -5.24 2.21 -4.70
C GLY A 17 -4.54 2.19 -3.34
N TYR A 18 -4.05 1.04 -2.95
CA TYR A 18 -3.36 0.94 -1.64
C TYR A 18 -1.92 1.42 -1.81
N ASN A 19 -1.42 2.22 -0.91
CA ASN A 19 -0.01 2.71 -1.04
C ASN A 19 0.92 1.86 -0.17
N CYS A 20 2.14 1.68 -0.58
CA CYS A 20 3.07 0.87 0.24
C CYS A 20 3.83 1.77 1.23
N VAL A 21 3.79 1.44 2.49
CA VAL A 21 4.50 2.24 3.51
C VAL A 21 5.52 1.33 4.22
N TYR A 22 6.74 1.76 4.34
CA TYR A 22 7.75 0.89 5.00
C TYR A 22 7.55 0.94 6.51
N ALA A 23 7.33 -0.18 7.14
CA ALA A 23 7.12 -0.19 8.62
C ALA A 23 8.42 -0.57 9.34
N TRP A 24 9.25 0.39 9.65
CA TRP A 24 10.52 0.08 10.36
C TRP A 24 10.23 -0.80 11.57
N TYR A 25 8.98 -0.99 11.90
CA TYR A 25 8.65 -1.84 13.08
C TYR A 25 9.24 -3.23 12.91
N ASN A 26 9.07 -3.84 11.77
CA ASN A 26 9.62 -5.21 11.57
C ASN A 26 10.04 -5.39 10.11
N GLN A 27 10.71 -4.43 9.54
CA GLN A 27 11.13 -4.55 8.12
C GLN A 27 9.96 -5.10 7.29
N GLN A 28 8.78 -4.59 7.54
CA GLN A 28 7.58 -5.07 6.80
C GLN A 28 6.93 -3.89 6.06
N SER A 29 6.50 -4.10 4.85
CA SER A 29 5.84 -3.00 4.08
C SER A 29 4.33 -3.13 4.25
N SER A 30 3.70 -2.20 4.92
CA SER A 30 2.24 -2.30 5.14
C SER A 30 1.49 -1.44 4.12
N CYS A 31 0.71 -2.06 3.26
CA CYS A 31 -0.07 -1.27 2.27
C CYS A 31 -1.15 -0.48 3.00
N GLU A 32 -1.46 0.70 2.53
CA GLU A 32 -2.50 1.51 3.23
C GLU A 32 -3.31 2.36 2.27
N ARG A 33 -4.54 2.00 2.02
CA ARG A 33 -5.38 2.86 1.16
C ARG A 33 -5.85 4.03 2.03
N LYS A 34 -5.73 5.23 1.57
CA LYS A 34 -6.20 6.36 2.40
C LYS A 34 -7.43 6.98 1.71
N TRP A 35 -8.05 6.22 0.83
CA TRP A 35 -9.26 6.69 0.11
C TRP A 35 -10.44 5.79 0.47
N LYS A 36 -10.20 4.78 1.25
CA LYS A 36 -11.28 3.82 1.63
C LYS A 36 -12.45 4.56 2.29
N TYR A 37 -12.64 5.82 1.96
CA TYR A 37 -13.78 6.57 2.55
C TYR A 37 -14.88 6.65 1.49
N LEU A 38 -15.92 5.88 1.65
CA LEU A 38 -17.02 5.89 0.64
C LEU A 38 -16.50 5.24 -0.66
N PHE A 39 -17.39 4.86 -1.54
CA PHE A 39 -17.03 4.21 -2.85
C PHE A 39 -17.26 2.70 -2.76
N THR A 40 -17.05 1.99 -3.83
CA THR A 40 -17.27 0.52 -3.81
C THR A 40 -16.11 -0.16 -3.06
N GLY A 41 -16.19 -1.45 -2.88
CA GLY A 41 -15.10 -2.16 -2.18
C GLY A 41 -13.78 -1.94 -2.93
N GLU A 42 -13.82 -1.17 -3.98
CA GLU A 42 -12.56 -0.92 -4.76
C GLU A 42 -11.94 0.38 -4.25
N CYS A 43 -10.66 0.37 -4.03
CA CYS A 43 -9.94 1.58 -3.51
C CYS A 43 -10.64 2.86 -3.98
N CYS A 1 -0.46 -8.81 -4.18
CA CYS A 1 -0.65 -7.46 -3.57
C CYS A 1 -1.07 -7.60 -2.10
N GLY A 2 -0.45 -6.88 -1.21
CA GLY A 2 -0.84 -6.98 0.23
C GLY A 2 -2.24 -6.43 0.43
N SER A 3 -2.48 -5.25 -0.07
CA SER A 3 -3.82 -4.58 0.06
C SER A 3 -3.90 -3.82 1.38
N LYS A 4 -5.07 -3.37 1.74
CA LYS A 4 -5.23 -2.58 2.99
C LYS A 4 -4.64 -3.36 4.16
N ARG A 5 -3.78 -2.75 4.93
CA ARG A 5 -3.15 -3.48 6.07
C ARG A 5 -2.63 -4.81 5.51
N ALA A 6 -1.45 -4.78 4.95
CA ALA A 6 -0.89 -6.03 4.35
C ALA A 6 0.51 -5.78 3.80
N TRP A 7 1.40 -6.72 4.00
CA TRP A 7 2.79 -6.57 3.50
C TRP A 7 2.81 -6.01 2.08
N CYS A 8 3.55 -4.95 1.88
CA CYS A 8 3.64 -4.32 0.52
C CYS A 8 5.12 -4.26 0.11
N LYS A 9 5.46 -4.65 -1.09
CA LYS A 9 6.90 -4.58 -1.49
C LYS A 9 7.16 -3.23 -2.15
N GLU A 10 6.30 -2.82 -3.03
CA GLU A 10 6.49 -1.53 -3.73
C GLU A 10 5.13 -0.94 -4.06
N LYS A 11 5.12 0.22 -4.65
CA LYS A 11 3.83 0.86 -5.04
C LYS A 11 3.09 -0.04 -6.04
N LYS A 12 3.74 -0.52 -7.04
CA LYS A 12 3.10 -1.42 -8.04
C LYS A 12 2.76 -2.79 -7.46
N ASP A 13 3.60 -3.33 -6.62
CA ASP A 13 3.33 -4.66 -6.04
C ASP A 13 2.12 -4.60 -5.13
N CYS A 14 1.66 -3.42 -4.83
CA CYS A 14 0.47 -3.30 -3.94
C CYS A 14 -0.80 -3.25 -4.77
N CYS A 15 -1.89 -3.71 -4.23
CA CYS A 15 -3.15 -3.69 -5.00
C CYS A 15 -3.51 -2.24 -5.31
N CYS A 16 -3.92 -1.96 -6.51
CA CYS A 16 -4.26 -0.54 -6.84
C CYS A 16 -5.19 0.01 -5.76
N GLY A 17 -5.04 1.25 -5.42
CA GLY A 17 -5.91 1.87 -4.37
C GLY A 17 -5.22 1.77 -3.02
N TYR A 18 -4.07 1.15 -2.97
CA TYR A 18 -3.37 1.04 -1.66
C TYR A 18 -1.95 1.56 -1.76
N ASN A 19 -1.49 2.24 -0.73
CA ASN A 19 -0.11 2.77 -0.74
C ASN A 19 0.80 1.81 0.04
N CYS A 20 2.01 1.64 -0.40
CA CYS A 20 2.93 0.70 0.31
C CYS A 20 3.68 1.45 1.43
N VAL A 21 3.78 0.86 2.58
CA VAL A 21 4.49 1.52 3.71
C VAL A 21 5.62 0.61 4.17
N TYR A 22 6.80 1.14 4.33
CA TYR A 22 7.94 0.29 4.79
C TYR A 22 8.20 0.57 6.27
N ALA A 23 8.14 -0.43 7.12
CA ALA A 23 8.38 -0.16 8.57
C ALA A 23 9.86 -0.29 8.87
N TRP A 24 10.48 0.79 9.26
CA TRP A 24 11.94 0.76 9.59
C TRP A 24 12.24 -0.39 10.56
N TYR A 25 11.29 -0.79 11.36
CA TYR A 25 11.53 -1.91 12.32
C TYR A 25 10.99 -3.22 11.77
N ASN A 26 11.41 -4.32 12.34
CA ASN A 26 10.94 -5.67 11.88
C ASN A 26 11.00 -5.76 10.34
N GLN A 27 11.68 -4.82 9.72
CA GLN A 27 11.80 -4.83 8.23
C GLN A 27 10.53 -5.37 7.57
N GLN A 28 9.37 -4.93 8.01
CA GLN A 28 8.11 -5.41 7.40
C GLN A 28 7.34 -4.23 6.80
N SER A 29 6.97 -4.32 5.56
CA SER A 29 6.21 -3.21 4.91
C SER A 29 4.74 -3.59 4.85
N SER A 30 3.83 -2.65 4.88
CA SER A 30 2.39 -3.01 4.83
C SER A 30 1.57 -1.91 4.13
N CYS A 31 0.76 -2.28 3.17
CA CYS A 31 -0.07 -1.27 2.44
C CYS A 31 -1.23 -0.77 3.32
N GLU A 32 -1.78 0.38 2.98
CA GLU A 32 -2.94 0.91 3.76
C GLU A 32 -3.90 1.67 2.83
N ARG A 33 -5.13 1.81 3.26
CA ARG A 33 -6.17 2.51 2.44
C ARG A 33 -5.80 3.95 2.16
N LYS A 34 -5.92 4.37 0.92
CA LYS A 34 -5.61 5.76 0.53
C LYS A 34 -6.49 6.15 -0.67
N TRP A 35 -7.73 5.71 -0.66
CA TRP A 35 -8.66 6.04 -1.80
C TRP A 35 -8.16 5.39 -3.09
N LYS A 36 -8.63 5.83 -4.22
CA LYS A 36 -8.17 5.19 -5.49
C LYS A 36 -8.69 5.96 -6.72
N TYR A 37 -8.98 7.23 -6.58
CA TYR A 37 -9.48 8.03 -7.74
C TYR A 37 -8.69 9.33 -7.87
N LEU A 38 -7.86 9.63 -6.91
CA LEU A 38 -7.08 10.89 -6.95
C LEU A 38 -6.13 10.92 -8.15
N PHE A 39 -5.42 9.85 -8.41
CA PHE A 39 -4.51 9.88 -9.58
C PHE A 39 -5.34 10.12 -10.85
N THR A 40 -5.34 9.19 -11.76
CA THR A 40 -6.12 9.36 -13.01
C THR A 40 -6.39 7.98 -13.63
N GLY A 41 -7.57 7.76 -14.15
CA GLY A 41 -7.88 6.42 -14.75
C GLY A 41 -7.37 5.31 -13.83
N GLU A 42 -8.21 4.80 -12.97
CA GLU A 42 -7.75 3.71 -12.06
C GLU A 42 -6.65 4.28 -11.15
N CYS A 43 -6.39 3.65 -10.03
CA CYS A 43 -5.33 4.18 -9.13
C CYS A 43 -4.00 4.25 -9.89
N CYS A 1 0.14 -8.10 -4.05
CA CYS A 1 -1.04 -7.18 -4.00
C CYS A 1 -1.37 -6.82 -2.54
N GLY A 2 -0.40 -6.41 -1.76
CA GLY A 2 -0.71 -6.05 -0.35
C GLY A 2 -1.86 -5.04 -0.33
N SER A 3 -2.93 -5.35 0.34
CA SER A 3 -4.10 -4.43 0.38
C SER A 3 -4.12 -3.69 1.74
N LYS A 4 -5.21 -3.04 2.07
CA LYS A 4 -5.25 -2.30 3.38
C LYS A 4 -4.54 -3.13 4.44
N ARG A 5 -3.47 -2.63 4.98
CA ARG A 5 -2.75 -3.39 6.03
C ARG A 5 -2.31 -4.74 5.43
N ALA A 6 -1.16 -4.76 4.79
CA ALA A 6 -0.69 -6.05 4.20
C ALA A 6 0.69 -5.86 3.55
N TRP A 7 1.56 -6.82 3.77
CA TRP A 7 2.95 -6.76 3.22
C TRP A 7 2.97 -6.33 1.75
N CYS A 8 3.87 -5.44 1.40
CA CYS A 8 4.00 -4.98 -0.02
C CYS A 8 5.47 -4.99 -0.43
N LYS A 9 5.76 -5.16 -1.69
CA LYS A 9 7.18 -5.14 -2.15
C LYS A 9 7.52 -3.72 -2.59
N GLU A 10 6.68 -3.15 -3.41
CA GLU A 10 6.89 -1.76 -3.91
C GLU A 10 5.53 -1.07 -3.88
N LYS A 11 5.47 0.18 -4.26
CA LYS A 11 4.14 0.87 -4.26
C LYS A 11 3.22 0.15 -5.23
N LYS A 12 3.73 -0.21 -6.37
CA LYS A 12 2.93 -0.93 -7.37
C LYS A 12 2.55 -2.32 -6.83
N ASP A 13 3.32 -2.83 -5.90
CA ASP A 13 3.02 -4.18 -5.33
C ASP A 13 1.72 -4.16 -4.54
N CYS A 14 1.22 -3.01 -4.18
CA CYS A 14 -0.03 -2.97 -3.41
C CYS A 14 -1.19 -3.02 -4.38
N CYS A 15 -2.09 -3.92 -4.18
CA CYS A 15 -3.24 -4.07 -5.11
C CYS A 15 -4.01 -2.76 -5.20
N CYS A 16 -5.18 -2.86 -5.78
CA CYS A 16 -6.07 -1.66 -5.94
C CYS A 16 -5.30 -0.36 -5.82
N GLY A 17 -5.89 0.58 -5.16
CA GLY A 17 -5.28 1.92 -4.99
C GLY A 17 -4.60 2.01 -3.65
N TYR A 18 -4.06 0.91 -3.20
CA TYR A 18 -3.37 0.91 -1.88
C TYR A 18 -1.89 1.27 -2.07
N ASN A 19 -1.32 2.01 -1.15
CA ASN A 19 0.12 2.41 -1.27
C ASN A 19 0.99 1.54 -0.36
N CYS A 20 2.23 1.37 -0.69
CA CYS A 20 3.12 0.51 0.16
C CYS A 20 3.79 1.39 1.23
N VAL A 21 3.88 0.90 2.44
CA VAL A 21 4.51 1.70 3.54
C VAL A 21 5.59 0.85 4.23
N TYR A 22 6.46 1.47 4.99
CA TYR A 22 7.54 0.70 5.69
C TYR A 22 7.34 0.74 7.20
N ALA A 23 7.41 -0.40 7.85
CA ALA A 23 7.25 -0.45 9.34
C ALA A 23 8.59 -0.76 10.01
N TRP A 24 8.94 -0.01 11.03
CA TRP A 24 10.22 -0.24 11.75
C TRP A 24 10.30 -1.68 12.29
N TYR A 25 9.26 -2.17 12.91
CA TYR A 25 9.32 -3.55 13.48
C TYR A 25 9.28 -4.59 12.36
N ASN A 26 10.06 -5.64 12.50
CA ASN A 26 10.08 -6.71 11.46
C ASN A 26 10.45 -6.13 10.10
N GLN A 27 11.14 -5.02 10.09
CA GLN A 27 11.54 -4.40 8.79
C GLN A 27 10.60 -4.89 7.68
N GLN A 28 9.31 -4.83 7.89
CA GLN A 28 8.35 -5.33 6.87
C GLN A 28 7.49 -4.17 6.34
N SER A 29 7.19 -4.18 5.06
CA SER A 29 6.36 -3.08 4.46
C SER A 29 4.89 -3.47 4.47
N SER A 30 3.99 -2.53 4.71
CA SER A 30 2.53 -2.85 4.73
C SER A 30 1.75 -1.86 3.85
N CYS A 31 0.86 -2.37 3.01
CA CYS A 31 0.05 -1.48 2.13
C CYS A 31 -0.98 -0.69 2.94
N GLU A 32 -1.23 0.54 2.56
CA GLU A 32 -2.23 1.38 3.26
C GLU A 32 -2.83 2.38 2.26
N ARG A 33 -4.12 2.55 2.28
CA ARG A 33 -4.77 3.51 1.33
C ARG A 33 -4.21 4.91 1.53
N LYS A 34 -4.05 5.65 0.46
CA LYS A 34 -3.53 7.04 0.57
C LYS A 34 -3.55 7.71 -0.80
N TRP A 35 -2.53 7.49 -1.57
CA TRP A 35 -2.47 8.13 -2.93
C TRP A 35 -2.57 7.06 -4.01
N LYS A 36 -2.23 7.43 -5.22
CA LYS A 36 -2.27 6.48 -6.34
C LYS A 36 -1.66 7.16 -7.55
N TYR A 37 -2.20 8.29 -7.87
CA TYR A 37 -1.69 9.10 -9.03
C TYR A 37 -2.58 10.33 -9.23
N LEU A 38 -3.82 10.26 -8.79
CA LEU A 38 -4.79 11.40 -8.93
C LEU A 38 -6.03 10.87 -9.69
N PHE A 39 -7.08 11.67 -9.82
CA PHE A 39 -8.32 11.21 -10.54
C PHE A 39 -8.51 9.69 -10.37
N THR A 40 -9.48 9.29 -9.58
CA THR A 40 -9.74 7.83 -9.35
C THR A 40 -8.71 7.28 -8.37
N GLY A 41 -7.95 8.14 -7.74
CA GLY A 41 -6.94 7.67 -6.77
C GLY A 41 -7.62 7.24 -5.47
N GLU A 42 -8.88 6.93 -5.51
CA GLU A 42 -9.60 6.51 -4.27
C GLU A 42 -9.86 5.00 -4.33
N CYS A 43 -9.69 4.32 -3.22
CA CYS A 43 -9.94 2.84 -3.20
C CYS A 43 -10.12 2.38 -1.75
N CYS A 1 -0.01 -8.56 -4.29
CA CYS A 1 -0.64 -7.26 -3.94
C CYS A 1 -1.09 -7.28 -2.48
N GLY A 2 -0.45 -6.51 -1.64
CA GLY A 2 -0.88 -6.50 -0.21
C GLY A 2 -2.28 -5.89 -0.14
N SER A 3 -3.06 -6.27 0.84
CA SER A 3 -4.43 -5.71 0.95
C SER A 3 -4.40 -4.55 1.93
N LYS A 4 -5.54 -3.95 2.19
CA LYS A 4 -5.57 -2.81 3.15
C LYS A 4 -4.78 -3.20 4.39
N ARG A 5 -3.75 -2.46 4.72
CA ARG A 5 -2.92 -2.82 5.90
C ARG A 5 -2.35 -4.23 5.68
N ALA A 6 -1.23 -4.34 5.01
CA ALA A 6 -0.64 -5.70 4.76
C ALA A 6 0.69 -5.58 4.00
N TRP A 7 1.60 -6.49 4.28
CA TRP A 7 2.95 -6.48 3.63
C TRP A 7 2.88 -6.10 2.15
N CYS A 8 3.77 -5.24 1.73
CA CYS A 8 3.82 -4.82 0.30
C CYS A 8 5.26 -4.90 -0.20
N LYS A 9 5.47 -5.00 -1.49
CA LYS A 9 6.87 -5.06 -2.02
C LYS A 9 7.31 -3.65 -2.41
N GLU A 10 6.44 -2.92 -3.05
CA GLU A 10 6.78 -1.54 -3.47
C GLU A 10 5.48 -0.76 -3.68
N LYS A 11 5.58 0.41 -4.24
CA LYS A 11 4.38 1.25 -4.48
C LYS A 11 3.39 0.56 -5.43
N LYS A 12 3.86 -0.04 -6.49
CA LYS A 12 2.93 -0.68 -7.46
C LYS A 12 2.56 -2.12 -7.06
N ASP A 13 3.34 -2.75 -6.22
CA ASP A 13 3.01 -4.15 -5.83
C ASP A 13 1.81 -4.18 -4.88
N CYS A 14 1.24 -3.06 -4.54
CA CYS A 14 0.07 -3.08 -3.63
C CYS A 14 -1.21 -3.17 -4.45
N CYS A 15 -2.19 -3.87 -3.96
CA CYS A 15 -3.45 -4.01 -4.73
C CYS A 15 -3.99 -2.63 -5.06
N CYS A 16 -4.23 -2.39 -6.31
CA CYS A 16 -4.76 -1.07 -6.76
C CYS A 16 -5.59 -0.44 -5.64
N GLY A 17 -5.32 0.81 -5.33
CA GLY A 17 -6.10 1.49 -4.24
C GLY A 17 -5.27 1.57 -2.96
N TYR A 18 -4.19 0.83 -2.88
CA TYR A 18 -3.36 0.87 -1.65
C TYR A 18 -1.90 1.21 -1.99
N ASN A 19 -1.24 1.91 -1.11
CA ASN A 19 0.19 2.28 -1.32
C ASN A 19 1.09 1.30 -0.59
N CYS A 20 2.36 1.62 -0.46
CA CYS A 20 3.31 0.69 0.26
C CYS A 20 4.22 1.53 1.16
N VAL A 21 4.35 1.14 2.40
CA VAL A 21 5.22 1.93 3.34
C VAL A 21 6.02 0.97 4.23
N TYR A 22 7.15 1.42 4.73
CA TYR A 22 7.99 0.56 5.61
C TYR A 22 7.36 0.45 7.00
N ALA A 23 7.13 -0.75 7.48
CA ALA A 23 6.50 -0.93 8.83
C ALA A 23 7.55 -1.35 9.86
N TRP A 24 7.90 -0.48 10.77
CA TRP A 24 8.90 -0.82 11.83
C TRP A 24 8.47 -2.06 12.63
N TYR A 25 7.26 -2.53 12.45
CA TYR A 25 6.79 -3.69 13.28
C TYR A 25 7.70 -4.91 13.03
N ASN A 26 7.98 -5.23 11.80
CA ASN A 26 8.89 -6.40 11.54
C ASN A 26 9.72 -6.12 10.28
N GLN A 27 10.36 -4.98 10.22
CA GLN A 27 11.18 -4.63 9.03
C GLN A 27 10.44 -5.06 7.77
N GLN A 28 9.15 -5.01 7.80
CA GLN A 28 8.34 -5.41 6.61
C GLN A 28 7.51 -4.21 6.15
N SER A 29 7.23 -4.13 4.88
CA SER A 29 6.42 -2.99 4.37
C SER A 29 4.94 -3.35 4.43
N SER A 30 4.06 -2.37 4.41
CA SER A 30 2.61 -2.69 4.47
C SER A 30 1.81 -1.80 3.51
N CYS A 31 0.90 -2.37 2.76
CA CYS A 31 0.09 -1.54 1.81
C CYS A 31 -0.88 -0.66 2.60
N GLU A 32 -0.98 0.60 2.26
CA GLU A 32 -1.94 1.49 3.00
C GLU A 32 -2.45 2.60 2.08
N ARG A 33 -3.69 2.98 2.25
CA ARG A 33 -4.29 4.05 1.40
C ARG A 33 -3.47 5.34 1.50
N LYS A 34 -3.65 6.26 0.59
CA LYS A 34 -2.88 7.52 0.66
C LYS A 34 -3.60 8.64 -0.11
N TRP A 35 -4.83 8.93 0.24
CA TRP A 35 -5.56 10.03 -0.45
C TRP A 35 -5.66 9.75 -1.95
N LYS A 36 -4.58 9.96 -2.65
CA LYS A 36 -4.52 9.71 -4.12
C LYS A 36 -5.05 10.93 -4.89
N TYR A 37 -4.91 12.10 -4.34
CA TYR A 37 -5.37 13.34 -5.04
C TYR A 37 -4.14 14.12 -5.51
N LEU A 38 -3.28 13.48 -6.25
CA LEU A 38 -2.05 14.17 -6.73
C LEU A 38 -1.35 13.27 -7.77
N PHE A 39 -0.05 13.34 -7.89
CA PHE A 39 0.66 12.49 -8.90
C PHE A 39 0.37 11.01 -8.64
N THR A 40 0.09 10.67 -7.43
CA THR A 40 -0.18 9.24 -7.06
C THR A 40 0.68 8.30 -7.90
N GLY A 41 0.06 7.54 -8.77
CA GLY A 41 0.83 6.58 -9.62
C GLY A 41 0.38 5.16 -9.31
N GLU A 42 -0.20 4.97 -8.15
CA GLU A 42 -0.69 3.61 -7.76
C GLU A 42 -2.20 3.54 -7.99
N CYS A 43 -2.62 3.04 -9.12
CA CYS A 43 -4.08 2.93 -9.41
C CYS A 43 -4.82 4.14 -8.84
N CYS A 1 -1.44 -9.38 -3.85
CA CYS A 1 -1.06 -7.99 -3.48
C CYS A 1 -1.43 -7.72 -2.02
N GLY A 2 -0.68 -6.91 -1.32
CA GLY A 2 -1.03 -6.60 0.10
C GLY A 2 -2.20 -5.62 0.10
N SER A 3 -3.22 -5.88 0.88
CA SER A 3 -4.39 -4.97 0.93
C SER A 3 -4.34 -4.13 2.20
N LYS A 4 -5.47 -3.82 2.78
CA LYS A 4 -5.47 -3.00 4.02
C LYS A 4 -4.51 -3.64 5.03
N ARG A 5 -3.53 -2.91 5.45
CA ARG A 5 -2.57 -3.47 6.43
C ARG A 5 -2.05 -4.81 5.90
N ALA A 6 -1.00 -4.77 5.12
CA ALA A 6 -0.45 -6.03 4.54
C ALA A 6 0.84 -5.72 3.77
N TRP A 7 1.84 -6.53 3.99
CA TRP A 7 3.16 -6.34 3.32
C TRP A 7 3.01 -6.04 1.84
N CYS A 8 3.93 -5.27 1.31
CA CYS A 8 3.93 -4.95 -0.15
C CYS A 8 5.29 -5.34 -0.73
N LYS A 9 5.33 -5.64 -1.99
CA LYS A 9 6.62 -6.01 -2.65
C LYS A 9 7.31 -4.71 -3.09
N GLU A 10 6.54 -3.72 -3.47
CA GLU A 10 7.11 -2.40 -3.91
C GLU A 10 6.00 -1.34 -3.93
N LYS A 11 6.30 -0.16 -4.43
CA LYS A 11 5.30 0.94 -4.50
C LYS A 11 4.06 0.61 -5.41
N LYS A 12 4.34 0.15 -6.59
CA LYS A 12 3.22 -0.19 -7.51
C LYS A 12 2.76 -1.62 -7.25
N ASP A 13 3.35 -2.27 -6.28
CA ASP A 13 3.00 -3.67 -5.98
C ASP A 13 1.91 -3.77 -4.90
N CYS A 14 1.37 -2.68 -4.43
CA CYS A 14 0.31 -2.79 -3.39
C CYS A 14 -1.01 -3.02 -4.12
N CYS A 15 -1.97 -3.61 -3.48
CA CYS A 15 -3.26 -3.86 -4.15
C CYS A 15 -3.70 -2.58 -4.87
N CYS A 16 -4.67 -2.70 -5.73
CA CYS A 16 -5.11 -1.49 -6.48
C CYS A 16 -5.68 -0.46 -5.51
N GLY A 17 -5.24 0.76 -5.62
CA GLY A 17 -5.74 1.84 -4.73
C GLY A 17 -4.96 1.80 -3.42
N TYR A 18 -3.93 1.01 -3.35
CA TYR A 18 -3.12 0.93 -2.09
C TYR A 18 -1.67 1.35 -2.34
N ASN A 19 -1.05 1.95 -1.35
CA ASN A 19 0.37 2.38 -1.47
C ASN A 19 1.20 1.63 -0.43
N CYS A 20 2.48 1.49 -0.62
CA CYS A 20 3.32 0.75 0.36
C CYS A 20 3.89 1.69 1.43
N VAL A 21 3.78 1.32 2.67
CA VAL A 21 4.31 2.15 3.79
C VAL A 21 5.33 1.32 4.57
N TYR A 22 6.48 1.86 4.84
CA TYR A 22 7.51 1.08 5.58
C TYR A 22 6.95 0.72 6.95
N ALA A 23 6.98 -0.55 7.30
CA ALA A 23 6.45 -0.98 8.63
C ALA A 23 7.61 -1.50 9.47
N TRP A 24 8.00 -0.78 10.49
CA TRP A 24 9.12 -1.25 11.35
C TRP A 24 8.81 -2.66 11.85
N TYR A 25 7.57 -2.94 12.19
CA TYR A 25 7.24 -4.30 12.70
C TYR A 25 7.30 -5.28 11.54
N ASN A 26 7.79 -6.47 11.78
CA ASN A 26 7.92 -7.47 10.69
C ASN A 26 9.03 -7.02 9.74
N GLN A 27 9.57 -5.84 9.96
CA GLN A 27 10.65 -5.33 9.07
C GLN A 27 10.14 -5.27 7.65
N GLN A 28 8.87 -5.33 7.44
CA GLN A 28 8.31 -5.26 6.06
C GLN A 28 7.53 -3.97 5.91
N SER A 29 6.85 -3.81 4.83
CA SER A 29 6.06 -2.58 4.61
C SER A 29 4.60 -2.97 4.42
N SER A 30 3.68 -2.25 5.00
CA SER A 30 2.23 -2.60 4.88
C SER A 30 1.53 -1.69 3.88
N CYS A 31 0.65 -2.26 3.09
CA CYS A 31 -0.10 -1.43 2.10
C CYS A 31 -1.11 -0.55 2.84
N GLU A 32 -1.43 0.57 2.28
CA GLU A 32 -2.40 1.50 2.93
C GLU A 32 -3.18 2.23 1.83
N ARG A 33 -3.71 3.36 2.12
CA ARG A 33 -4.48 4.12 1.10
C ARG A 33 -4.50 5.60 1.49
N LYS A 34 -4.09 6.43 0.57
CA LYS A 34 -4.03 7.88 0.82
C LYS A 34 -4.77 8.60 -0.30
N TRP A 35 -5.69 7.91 -0.92
CA TRP A 35 -6.47 8.49 -2.03
C TRP A 35 -7.97 8.49 -1.66
N LYS A 36 -8.84 8.71 -2.61
CA LYS A 36 -10.30 8.70 -2.28
C LYS A 36 -11.12 8.78 -3.58
N TYR A 37 -10.67 8.08 -4.60
CA TYR A 37 -11.37 8.04 -5.93
C TYR A 37 -10.54 8.82 -6.97
N LEU A 38 -9.24 8.82 -6.85
CA LEU A 38 -8.43 9.57 -7.84
C LEU A 38 -8.65 8.98 -9.23
N PHE A 39 -8.65 7.66 -9.30
CA PHE A 39 -8.87 6.92 -10.59
C PHE A 39 -7.90 5.73 -10.65
N THR A 40 -7.81 5.07 -11.78
CA THR A 40 -6.89 3.92 -11.91
C THR A 40 -5.46 4.42 -12.06
N GLY A 41 -5.26 5.72 -12.08
CA GLY A 41 -3.90 6.29 -12.23
C GLY A 41 -2.87 5.40 -11.54
N GLU A 42 -2.74 5.51 -10.24
CA GLU A 42 -1.77 4.66 -9.51
C GLU A 42 -2.52 3.60 -8.70
N CYS A 43 -2.32 2.34 -8.99
CA CYS A 43 -3.02 1.29 -8.22
C CYS A 43 -2.15 0.90 -7.01
N CYS A 1 -0.58 -8.73 -4.32
CA CYS A 1 -0.79 -7.38 -3.71
C CYS A 1 -1.35 -7.55 -2.28
N GLY A 2 -0.70 -6.97 -1.31
CA GLY A 2 -1.15 -7.12 0.11
C GLY A 2 -2.49 -6.42 0.40
N SER A 3 -2.62 -5.17 0.06
CA SER A 3 -3.88 -4.39 0.35
C SER A 3 -3.89 -3.91 1.82
N LYS A 4 -4.85 -3.10 2.19
CA LYS A 4 -4.90 -2.56 3.60
C LYS A 4 -4.26 -3.56 4.57
N ARG A 5 -3.36 -3.09 5.40
CA ARG A 5 -2.66 -3.99 6.36
C ARG A 5 -2.14 -5.21 5.62
N ALA A 6 -1.04 -5.09 4.91
CA ALA A 6 -0.55 -6.28 4.17
C ALA A 6 0.84 -6.03 3.59
N TRP A 7 1.71 -6.99 3.73
CA TRP A 7 3.10 -6.87 3.22
C TRP A 7 3.09 -6.46 1.74
N CYS A 8 3.94 -5.55 1.38
CA CYS A 8 4.03 -5.09 -0.04
C CYS A 8 5.47 -5.30 -0.52
N LYS A 9 5.66 -5.60 -1.78
CA LYS A 9 7.04 -5.81 -2.28
C LYS A 9 7.60 -4.46 -2.74
N GLU A 10 6.83 -3.73 -3.49
CA GLU A 10 7.28 -2.38 -3.94
C GLU A 10 6.06 -1.47 -3.93
N LYS A 11 6.20 -0.23 -4.29
CA LYS A 11 5.02 0.67 -4.30
C LYS A 11 3.96 0.15 -5.28
N LYS A 12 4.37 -0.41 -6.38
CA LYS A 12 3.39 -0.92 -7.37
C LYS A 12 2.87 -2.30 -6.93
N ASP A 13 3.45 -2.89 -5.93
CA ASP A 13 2.98 -4.24 -5.48
C ASP A 13 1.80 -4.12 -4.52
N CYS A 14 1.34 -2.93 -4.21
CA CYS A 14 0.17 -2.82 -3.30
C CYS A 14 -1.10 -2.87 -4.15
N CYS A 15 -2.12 -3.50 -3.66
CA CYS A 15 -3.36 -3.60 -4.43
C CYS A 15 -3.73 -2.21 -4.96
N CYS A 16 -4.22 -2.14 -6.16
CA CYS A 16 -4.56 -0.82 -6.73
C CYS A 16 -5.41 -0.02 -5.74
N GLY A 17 -5.14 1.24 -5.58
CA GLY A 17 -5.93 2.07 -4.63
C GLY A 17 -5.28 2.03 -3.25
N TYR A 18 -4.20 1.30 -3.11
CA TYR A 18 -3.52 1.21 -1.78
C TYR A 18 -2.05 1.62 -1.91
N ASN A 19 -1.52 2.27 -0.89
CA ASN A 19 -0.10 2.71 -0.93
C ASN A 19 0.77 1.74 -0.14
N CYS A 20 2.03 1.65 -0.49
CA CYS A 20 2.96 0.75 0.25
C CYS A 20 3.61 1.52 1.39
N VAL A 21 3.32 1.15 2.61
CA VAL A 21 3.93 1.84 3.78
C VAL A 21 5.14 1.02 4.23
N TYR A 22 6.19 1.67 4.65
CA TYR A 22 7.39 0.92 5.08
C TYR A 22 7.47 0.89 6.61
N ALA A 23 7.60 -0.28 7.19
CA ALA A 23 7.67 -0.38 8.67
C ALA A 23 9.13 -0.34 9.11
N TRP A 24 9.59 0.79 9.57
CA TRP A 24 11.01 0.91 10.02
C TRP A 24 11.40 -0.31 10.85
N TYR A 25 10.46 -0.93 11.51
CA TYR A 25 10.80 -2.13 12.33
C TYR A 25 10.45 -3.37 11.51
N ASN A 26 11.21 -4.42 11.67
CA ASN A 26 10.95 -5.66 10.89
C ASN A 26 11.07 -5.36 9.39
N GLN A 27 11.32 -4.12 9.03
CA GLN A 27 11.44 -3.77 7.59
C GLN A 27 10.31 -4.46 6.80
N GLN A 28 9.09 -4.29 7.25
CA GLN A 28 7.93 -4.91 6.54
C GLN A 28 7.04 -3.80 6.00
N SER A 29 6.63 -3.90 4.76
CA SER A 29 5.78 -2.82 4.18
C SER A 29 4.30 -3.19 4.28
N SER A 30 3.50 -2.34 4.88
CA SER A 30 2.06 -2.60 5.02
C SER A 30 1.27 -1.71 4.04
N CYS A 31 0.55 -2.30 3.11
CA CYS A 31 -0.22 -1.44 2.17
C CYS A 31 -1.31 -0.69 2.95
N GLU A 32 -1.59 0.53 2.59
CA GLU A 32 -2.64 1.30 3.33
C GLU A 32 -3.45 2.17 2.36
N ARG A 33 -4.73 2.23 2.56
CA ARG A 33 -5.64 3.06 1.70
C ARG A 33 -5.33 4.56 1.79
N LYS A 34 -4.14 4.98 1.46
CA LYS A 34 -3.82 6.44 1.54
C LYS A 34 -4.83 7.26 0.74
N TRP A 35 -5.76 6.62 0.08
CA TRP A 35 -6.76 7.39 -0.73
C TRP A 35 -8.19 7.14 -0.22
N LYS A 36 -9.18 7.65 -0.90
CA LYS A 36 -10.59 7.49 -0.45
C LYS A 36 -10.98 6.01 -0.30
N TYR A 37 -10.02 5.14 -0.25
CA TYR A 37 -10.32 3.68 -0.10
C TYR A 37 -11.41 3.21 -1.08
N LEU A 38 -11.99 4.07 -1.85
CA LEU A 38 -13.04 3.63 -2.82
C LEU A 38 -12.41 3.42 -4.20
N PHE A 39 -11.94 4.47 -4.82
CA PHE A 39 -11.36 4.32 -6.18
C PHE A 39 -10.92 5.70 -6.69
N THR A 40 -11.87 6.51 -7.00
CA THR A 40 -11.56 7.87 -7.53
C THR A 40 -10.73 7.72 -8.81
N GLY A 41 -11.37 7.38 -9.90
CA GLY A 41 -10.61 7.19 -11.17
C GLY A 41 -9.86 5.87 -11.10
N GLU A 42 -9.17 5.50 -12.14
CA GLU A 42 -8.43 4.22 -12.14
C GLU A 42 -7.00 4.45 -11.64
N CYS A 43 -6.51 3.59 -10.79
CA CYS A 43 -5.12 3.74 -10.27
C CYS A 43 -4.18 4.12 -11.42
N CYS A 1 -1.27 -8.84 -4.72
CA CYS A 1 -0.75 -7.67 -3.96
C CYS A 1 -1.24 -7.76 -2.51
N GLY A 2 -0.52 -7.16 -1.59
CA GLY A 2 -0.93 -7.23 -0.16
C GLY A 2 -2.23 -6.43 0.07
N SER A 3 -2.21 -5.16 -0.22
CA SER A 3 -3.40 -4.27 0.00
C SER A 3 -3.45 -3.77 1.45
N LYS A 4 -4.57 -3.23 1.87
CA LYS A 4 -4.70 -2.70 3.25
C LYS A 4 -4.24 -3.75 4.24
N ARG A 5 -3.42 -3.40 5.18
CA ARG A 5 -2.96 -4.42 6.16
C ARG A 5 -2.41 -5.61 5.38
N ALA A 6 -1.19 -5.51 4.87
CA ALA A 6 -0.64 -6.64 4.08
C ALA A 6 0.79 -6.34 3.64
N TRP A 7 1.69 -7.25 3.88
CA TRP A 7 3.10 -7.05 3.47
C TRP A 7 3.17 -6.69 1.98
N CYS A 8 3.66 -5.51 1.67
CA CYS A 8 3.80 -5.08 0.25
C CYS A 8 5.30 -5.07 -0.09
N LYS A 9 5.66 -5.29 -1.31
CA LYS A 9 7.11 -5.26 -1.68
C LYS A 9 7.50 -3.85 -2.14
N GLU A 10 6.60 -3.18 -2.82
CA GLU A 10 6.90 -1.80 -3.31
C GLU A 10 5.58 -1.07 -3.59
N LYS A 11 5.64 0.07 -4.21
CA LYS A 11 4.39 0.82 -4.50
C LYS A 11 3.48 -0.04 -5.38
N LYS A 12 4.03 -0.57 -6.43
CA LYS A 12 3.21 -1.40 -7.36
C LYS A 12 2.79 -2.74 -6.73
N ASP A 13 3.67 -3.40 -6.01
CA ASP A 13 3.30 -4.72 -5.40
C ASP A 13 2.04 -4.58 -4.56
N CYS A 14 1.65 -3.39 -4.24
CA CYS A 14 0.41 -3.22 -3.42
C CYS A 14 -0.79 -3.13 -4.34
N CYS A 15 -1.90 -3.63 -3.91
CA CYS A 15 -3.10 -3.61 -4.76
C CYS A 15 -3.37 -2.17 -5.19
N CYS A 16 -3.66 -1.96 -6.44
CA CYS A 16 -3.94 -0.58 -6.92
C CYS A 16 -5.06 -0.01 -6.08
N GLY A 17 -4.82 1.11 -5.46
CA GLY A 17 -5.86 1.74 -4.60
C GLY A 17 -5.31 1.87 -3.18
N TYR A 18 -4.15 1.31 -2.93
CA TYR A 18 -3.57 1.38 -1.55
C TYR A 18 -2.15 1.97 -1.59
N ASN A 19 -1.74 2.61 -0.52
CA ASN A 19 -0.36 3.18 -0.50
C ASN A 19 0.55 2.20 0.22
N CYS A 20 1.70 1.92 -0.33
CA CYS A 20 2.62 0.96 0.32
C CYS A 20 3.61 1.71 1.20
N VAL A 21 3.69 1.35 2.45
CA VAL A 21 4.66 2.00 3.37
C VAL A 21 5.62 0.95 3.87
N TYR A 22 6.87 1.05 3.51
CA TYR A 22 7.86 0.05 3.97
C TYR A 22 8.28 0.45 5.38
N ALA A 23 7.95 -0.34 6.37
CA ALA A 23 8.32 0.04 7.77
C ALA A 23 9.75 -0.41 8.06
N TRP A 24 10.69 0.44 7.78
CA TRP A 24 12.12 0.11 8.02
C TRP A 24 12.31 -0.49 9.42
N TYR A 25 11.41 -0.25 10.34
CA TYR A 25 11.60 -0.79 11.72
C TYR A 25 11.25 -2.29 11.79
N ASN A 26 10.15 -2.72 11.21
CA ASN A 26 9.83 -4.19 11.25
C ASN A 26 10.13 -4.83 9.90
N GLN A 27 10.77 -4.10 9.03
CA GLN A 27 11.12 -4.65 7.69
C GLN A 27 9.89 -5.14 6.94
N GLN A 28 8.71 -4.77 7.37
CA GLN A 28 7.47 -5.22 6.66
C GLN A 28 6.69 -4.00 6.15
N SER A 29 6.16 -4.08 4.95
CA SER A 29 5.39 -2.92 4.39
C SER A 29 3.89 -3.14 4.64
N SER A 30 3.22 -2.14 5.16
CA SER A 30 1.76 -2.28 5.43
C SER A 30 0.98 -1.27 4.59
N CYS A 31 0.35 -1.71 3.55
CA CYS A 31 -0.43 -0.76 2.71
C CYS A 31 -1.58 -0.17 3.52
N GLU A 32 -2.02 1.01 3.16
CA GLU A 32 -3.13 1.64 3.92
C GLU A 32 -4.03 2.43 2.96
N ARG A 33 -5.32 2.31 3.13
CA ARG A 33 -6.27 3.06 2.28
C ARG A 33 -6.26 4.54 2.67
N LYS A 34 -5.37 5.34 2.15
CA LYS A 34 -5.37 6.78 2.49
C LYS A 34 -5.36 7.60 1.20
N TRP A 35 -4.87 7.02 0.15
CA TRP A 35 -4.82 7.71 -1.18
C TRP A 35 -5.61 6.89 -2.19
N LYS A 36 -5.48 7.21 -3.44
CA LYS A 36 -6.19 6.43 -4.50
C LYS A 36 -7.56 6.00 -4.00
N TYR A 37 -8.13 6.69 -3.04
CA TYR A 37 -9.45 6.26 -2.50
C TYR A 37 -10.58 7.10 -3.09
N LEU A 38 -10.28 8.32 -3.46
CA LEU A 38 -11.30 9.24 -4.05
C LEU A 38 -12.68 8.56 -4.10
N PHE A 39 -13.24 8.41 -5.27
CA PHE A 39 -14.58 7.75 -5.37
C PHE A 39 -14.48 6.32 -4.84
N THR A 40 -13.45 5.65 -5.22
CA THR A 40 -13.26 4.23 -4.78
C THR A 40 -11.78 3.88 -4.79
N GLY A 41 -11.32 3.25 -5.84
CA GLY A 41 -9.88 2.86 -5.92
C GLY A 41 -9.16 3.76 -6.92
N GLU A 42 -9.01 3.32 -8.14
CA GLU A 42 -8.30 4.14 -9.15
C GLU A 42 -6.83 4.31 -8.70
N CYS A 43 -5.91 3.66 -9.37
CA CYS A 43 -4.48 3.78 -8.96
C CYS A 43 -3.59 3.56 -10.19
N CYS A 1 -1.03 -9.17 -4.02
CA CYS A 1 -0.66 -7.76 -3.72
C CYS A 1 -1.07 -7.42 -2.29
N GLY A 2 -0.31 -6.61 -1.60
CA GLY A 2 -0.69 -6.27 -0.21
C GLY A 2 -1.80 -5.21 -0.21
N SER A 3 -2.83 -5.41 0.56
CA SER A 3 -3.94 -4.41 0.62
C SER A 3 -3.93 -3.75 2.00
N LYS A 4 -5.04 -3.18 2.40
CA LYS A 4 -5.09 -2.50 3.73
C LYS A 4 -4.26 -3.30 4.74
N ARG A 5 -3.25 -2.70 5.30
CA ARG A 5 -2.40 -3.43 6.26
C ARG A 5 -1.99 -4.74 5.61
N ALA A 6 -0.91 -4.74 4.88
CA ALA A 6 -0.47 -5.99 4.22
C ALA A 6 0.91 -5.82 3.57
N TRP A 7 1.78 -6.75 3.82
CA TRP A 7 3.16 -6.72 3.28
C TRP A 7 3.17 -6.34 1.79
N CYS A 8 4.06 -5.47 1.40
CA CYS A 8 4.15 -5.04 -0.04
C CYS A 8 5.61 -5.15 -0.50
N LYS A 9 5.84 -5.44 -1.75
CA LYS A 9 7.25 -5.54 -2.24
C LYS A 9 7.68 -4.19 -2.86
N GLU A 10 6.81 -3.58 -3.65
CA GLU A 10 7.13 -2.28 -4.30
C GLU A 10 5.93 -1.34 -4.16
N LYS A 11 6.11 -0.06 -4.39
CA LYS A 11 4.96 0.87 -4.29
C LYS A 11 3.85 0.40 -5.22
N LYS A 12 4.18 -0.24 -6.31
CA LYS A 12 3.14 -0.73 -7.24
C LYS A 12 2.74 -2.17 -6.84
N ASP A 13 3.45 -2.77 -5.91
CA ASP A 13 3.09 -4.16 -5.51
C ASP A 13 1.89 -4.14 -4.55
N CYS A 14 1.40 -2.98 -4.17
CA CYS A 14 0.25 -2.94 -3.27
C CYS A 14 -1.02 -3.04 -4.12
N CYS A 15 -2.01 -3.75 -3.65
CA CYS A 15 -3.23 -3.91 -4.43
C CYS A 15 -3.72 -2.54 -4.91
N CYS A 16 -4.27 -2.48 -6.08
CA CYS A 16 -4.78 -1.18 -6.59
C CYS A 16 -5.66 -0.53 -5.45
N GLY A 17 -5.44 0.75 -5.25
CA GLY A 17 -6.24 1.42 -4.19
C GLY A 17 -5.42 1.47 -2.89
N TYR A 18 -4.23 0.93 -2.90
CA TYR A 18 -3.41 0.96 -1.65
C TYR A 18 -1.92 1.30 -2.00
N ASN A 19 -1.27 2.02 -1.10
CA ASN A 19 0.16 2.37 -1.36
C ASN A 19 1.03 1.47 -0.49
N CYS A 20 2.35 1.59 -0.63
CA CYS A 20 3.27 0.79 0.21
C CYS A 20 3.76 1.63 1.40
N VAL A 21 3.65 1.12 2.60
CA VAL A 21 4.15 1.87 3.79
C VAL A 21 5.17 0.98 4.49
N TYR A 22 6.38 1.44 4.62
CA TYR A 22 7.43 0.62 5.27
C TYR A 22 7.23 0.66 6.79
N ALA A 23 7.02 -0.47 7.41
CA ALA A 23 6.82 -0.47 8.89
C ALA A 23 8.14 -0.84 9.59
N TRP A 24 8.76 0.10 10.23
CA TRP A 24 10.04 -0.20 10.92
C TRP A 24 9.83 -1.35 11.91
N TYR A 25 10.54 -2.44 11.77
CA TYR A 25 10.40 -3.59 12.72
C TYR A 25 10.89 -4.87 12.04
N ASN A 26 10.09 -5.45 11.20
CA ASN A 26 10.50 -6.71 10.50
C ASN A 26 10.72 -6.42 9.02
N GLN A 27 10.98 -5.19 8.67
CA GLN A 27 11.18 -4.84 7.24
C GLN A 27 9.97 -5.32 6.43
N GLN A 28 8.78 -5.02 6.91
CA GLN A 28 7.54 -5.45 6.21
C GLN A 28 6.77 -4.20 5.75
N SER A 29 6.35 -4.16 4.51
CA SER A 29 5.60 -2.97 4.01
C SER A 29 4.09 -3.19 4.15
N SER A 30 3.41 -2.34 4.86
CA SER A 30 1.96 -2.50 5.04
C SER A 30 1.23 -1.61 4.03
N CYS A 31 0.52 -2.20 3.10
CA CYS A 31 -0.20 -1.36 2.10
C CYS A 31 -1.28 -0.53 2.81
N GLU A 32 -1.37 0.74 2.51
CA GLU A 32 -2.40 1.61 3.18
C GLU A 32 -2.98 2.63 2.18
N ARG A 33 -4.25 2.89 2.26
CA ARG A 33 -4.89 3.87 1.31
C ARG A 33 -4.32 5.28 1.51
N LYS A 34 -3.04 5.40 1.66
CA LYS A 34 -2.47 6.76 1.86
C LYS A 34 -2.98 7.72 0.78
N TRP A 35 -3.65 7.21 -0.22
CA TRP A 35 -4.19 8.10 -1.30
C TRP A 35 -5.71 7.94 -1.44
N LYS A 36 -6.22 8.14 -2.64
CA LYS A 36 -7.68 8.04 -2.96
C LYS A 36 -8.24 9.42 -3.32
N TYR A 37 -7.41 10.41 -3.52
CA TYR A 37 -7.96 11.76 -3.88
C TYR A 37 -7.21 12.37 -5.07
N LEU A 38 -6.38 11.61 -5.74
CA LEU A 38 -5.68 12.19 -6.91
C LEU A 38 -4.96 11.11 -7.69
N PHE A 39 -3.66 11.20 -7.82
CA PHE A 39 -2.89 10.17 -8.59
C PHE A 39 -3.72 9.62 -9.75
N THR A 40 -4.71 8.85 -9.43
CA THR A 40 -5.58 8.24 -10.48
C THR A 40 -4.87 7.01 -11.04
N GLY A 41 -4.38 6.18 -10.17
CA GLY A 41 -3.65 4.95 -10.63
C GLY A 41 -4.65 3.93 -11.18
N GLU A 42 -5.72 4.39 -11.76
CA GLU A 42 -6.75 3.47 -12.35
C GLU A 42 -7.11 2.36 -11.37
N CYS A 43 -7.23 2.69 -10.12
CA CYS A 43 -7.60 1.68 -9.11
C CYS A 43 -9.06 1.84 -8.71
N CYS A 1 -0.15 -8.58 -4.31
CA CYS A 1 -0.49 -7.17 -4.03
C CYS A 1 -0.98 -7.02 -2.58
N GLY A 2 -0.39 -6.15 -1.82
CA GLY A 2 -0.85 -5.98 -0.40
C GLY A 2 -2.14 -5.14 -0.40
N SER A 3 -3.14 -5.58 0.32
CA SER A 3 -4.42 -4.81 0.38
C SER A 3 -4.70 -4.44 1.83
N LYS A 4 -5.33 -3.31 2.07
CA LYS A 4 -5.64 -2.88 3.46
C LYS A 4 -5.02 -3.84 4.48
N ARG A 5 -4.06 -3.38 5.23
CA ARG A 5 -3.42 -4.25 6.23
C ARG A 5 -2.79 -5.45 5.53
N ALA A 6 -1.57 -5.31 5.08
CA ALA A 6 -0.91 -6.44 4.39
C ALA A 6 0.46 -6.01 3.88
N TRP A 7 1.44 -6.83 4.11
CA TRP A 7 2.84 -6.53 3.67
C TRP A 7 2.88 -6.15 2.19
N CYS A 8 3.52 -5.05 1.88
CA CYS A 8 3.66 -4.61 0.46
C CYS A 8 5.14 -4.63 0.10
N LYS A 9 5.49 -4.89 -1.13
CA LYS A 9 6.93 -4.92 -1.47
C LYS A 9 7.36 -3.53 -1.97
N GLU A 10 6.58 -2.94 -2.84
CA GLU A 10 6.89 -1.57 -3.36
C GLU A 10 5.57 -0.93 -3.78
N LYS A 11 5.59 0.26 -4.31
CA LYS A 11 4.30 0.89 -4.72
C LYS A 11 3.62 0.02 -5.78
N LYS A 12 4.35 -0.46 -6.75
CA LYS A 12 3.72 -1.29 -7.80
C LYS A 12 3.30 -2.66 -7.24
N ASP A 13 3.71 -2.99 -6.05
CA ASP A 13 3.33 -4.31 -5.47
C ASP A 13 2.14 -4.13 -4.50
N CYS A 14 1.54 -2.98 -4.45
CA CYS A 14 0.36 -2.78 -3.56
C CYS A 14 -0.90 -2.86 -4.42
N CYS A 15 -1.90 -3.56 -3.98
CA CYS A 15 -3.14 -3.68 -4.79
C CYS A 15 -3.69 -2.29 -5.10
N CYS A 16 -4.25 -2.14 -6.25
CA CYS A 16 -4.81 -0.83 -6.64
C CYS A 16 -5.74 -0.32 -5.46
N GLY A 17 -5.61 0.95 -5.21
CA GLY A 17 -6.41 1.55 -4.13
C GLY A 17 -5.59 1.50 -2.84
N TYR A 18 -4.38 1.01 -2.92
CA TYR A 18 -3.52 0.93 -1.70
C TYR A 18 -2.08 1.37 -2.00
N ASN A 19 -1.41 1.94 -1.04
CA ASN A 19 0.00 2.39 -1.27
C ASN A 19 0.95 1.46 -0.50
N CYS A 20 2.22 1.48 -0.83
CA CYS A 20 3.21 0.62 -0.10
C CYS A 20 4.07 1.49 0.84
N VAL A 21 4.27 1.05 2.06
CA VAL A 21 5.11 1.84 3.02
C VAL A 21 6.01 0.89 3.83
N TYR A 22 7.23 1.28 4.09
CA TYR A 22 8.15 0.37 4.86
C TYR A 22 7.92 0.54 6.37
N ALA A 23 7.69 -0.55 7.05
CA ALA A 23 7.47 -0.48 8.54
C ALA A 23 8.79 -0.75 9.26
N TRP A 24 9.50 0.28 9.62
CA TRP A 24 10.80 0.10 10.32
C TRP A 24 10.63 -0.79 11.57
N TYR A 25 9.57 -0.63 12.31
CA TYR A 25 9.41 -1.47 13.54
C TYR A 25 9.30 -2.95 13.16
N ASN A 26 8.50 -3.29 12.18
CA ASN A 26 8.39 -4.72 11.78
C ASN A 26 9.37 -5.01 10.64
N GLN A 27 10.14 -4.03 10.25
CA GLN A 27 11.12 -4.25 9.15
C GLN A 27 10.44 -4.77 7.86
N GLN A 28 9.09 -4.79 7.93
CA GLN A 28 8.32 -5.27 6.75
C GLN A 28 7.45 -4.11 6.26
N SER A 29 7.08 -4.11 5.02
CA SER A 29 6.25 -2.99 4.49
C SER A 29 4.77 -3.33 4.63
N SER A 30 3.90 -2.35 4.61
CA SER A 30 2.45 -2.63 4.74
C SER A 30 1.65 -1.68 3.85
N CYS A 31 0.69 -2.20 3.13
CA CYS A 31 -0.15 -1.34 2.25
C CYS A 31 -1.04 -0.42 3.12
N GLU A 32 -1.37 0.76 2.66
CA GLU A 32 -2.24 1.66 3.48
C GLU A 32 -3.23 2.43 2.62
N ARG A 33 -4.39 2.65 3.15
CA ARG A 33 -5.45 3.38 2.38
C ARG A 33 -5.00 4.86 2.25
N LYS A 34 -4.34 5.20 1.18
CA LYS A 34 -3.91 6.60 0.99
C LYS A 34 -4.70 7.20 -0.18
N TRP A 35 -5.58 6.41 -0.76
CA TRP A 35 -6.39 6.89 -1.91
C TRP A 35 -7.88 6.81 -1.54
N LYS A 36 -8.75 7.23 -2.43
CA LYS A 36 -10.24 7.23 -2.18
C LYS A 36 -10.69 8.66 -1.88
N TYR A 37 -9.93 9.63 -2.32
CA TYR A 37 -10.30 11.05 -2.06
C TYR A 37 -10.82 11.67 -3.36
N LEU A 38 -12.12 11.76 -3.52
CA LEU A 38 -12.74 12.34 -4.77
C LEU A 38 -13.86 11.41 -5.25
N PHE A 39 -13.54 10.46 -6.07
CA PHE A 39 -14.57 9.51 -6.59
C PHE A 39 -13.86 8.52 -7.54
N THR A 40 -12.65 8.18 -7.24
CA THR A 40 -11.90 7.23 -8.13
C THR A 40 -10.64 6.76 -7.40
N GLY A 41 -9.49 7.04 -7.95
CA GLY A 41 -8.21 6.62 -7.32
C GLY A 41 -7.52 5.62 -8.24
N GLU A 42 -6.21 5.56 -8.20
CA GLU A 42 -5.48 4.62 -9.09
C GLU A 42 -4.32 3.97 -8.32
N CYS A 43 -3.88 2.82 -8.77
CA CYS A 43 -2.75 2.13 -8.09
C CYS A 43 -1.51 3.01 -8.11
N CYS A 1 -1.03 -8.65 -3.35
CA CYS A 1 -1.03 -7.15 -3.39
C CYS A 1 -1.27 -6.59 -1.99
N GLY A 2 -0.35 -5.82 -1.46
CA GLY A 2 -0.58 -5.26 -0.11
C GLY A 2 -1.91 -4.51 -0.10
N SER A 3 -2.98 -5.20 0.20
CA SER A 3 -4.32 -4.53 0.19
C SER A 3 -4.83 -4.42 1.63
N LYS A 4 -4.77 -3.25 2.21
CA LYS A 4 -5.27 -3.09 3.59
C LYS A 4 -4.67 -4.18 4.49
N ARG A 5 -3.77 -3.82 5.35
CA ARG A 5 -3.09 -4.81 6.24
C ARG A 5 -2.57 -5.96 5.37
N ALA A 6 -1.41 -5.79 4.80
CA ALA A 6 -0.83 -6.86 3.94
C ALA A 6 0.54 -6.40 3.40
N TRP A 7 1.57 -7.13 3.71
CA TRP A 7 2.94 -6.75 3.26
C TRP A 7 2.96 -6.42 1.75
N CYS A 8 3.74 -5.42 1.38
CA CYS A 8 3.85 -5.05 -0.07
C CYS A 8 5.34 -5.06 -0.47
N LYS A 9 5.64 -5.39 -1.69
CA LYS A 9 7.06 -5.42 -2.13
C LYS A 9 7.48 -4.01 -2.57
N GLU A 10 6.54 -3.23 -3.03
CA GLU A 10 6.84 -1.84 -3.50
C GLU A 10 5.53 -1.11 -3.75
N LYS A 11 5.57 -0.10 -4.57
CA LYS A 11 4.34 0.67 -4.89
C LYS A 11 3.39 -0.19 -5.74
N LYS A 12 3.89 -0.81 -6.78
CA LYS A 12 3.03 -1.66 -7.64
C LYS A 12 2.60 -2.92 -6.88
N ASP A 13 3.52 -3.56 -6.23
CA ASP A 13 3.17 -4.81 -5.50
C ASP A 13 2.00 -4.58 -4.55
N CYS A 14 1.59 -3.36 -4.36
CA CYS A 14 0.43 -3.11 -3.46
C CYS A 14 -0.84 -3.06 -4.31
N CYS A 15 -1.95 -3.43 -3.75
CA CYS A 15 -3.22 -3.44 -4.54
C CYS A 15 -3.55 -2.03 -5.05
N CYS A 16 -3.90 -1.94 -6.31
CA CYS A 16 -4.26 -0.62 -6.94
C CYS A 16 -5.27 0.13 -6.08
N GLY A 17 -4.87 0.56 -4.92
CA GLY A 17 -5.80 1.31 -4.04
C GLY A 17 -5.06 1.66 -2.75
N TYR A 18 -4.11 0.84 -2.38
CA TYR A 18 -3.34 1.10 -1.14
C TYR A 18 -1.91 1.57 -1.49
N ASN A 19 -1.31 2.31 -0.61
CA ASN A 19 0.08 2.80 -0.85
C ASN A 19 1.07 1.96 -0.05
N CYS A 20 2.14 1.53 -0.65
CA CYS A 20 3.13 0.67 0.10
C CYS A 20 4.02 1.55 0.97
N VAL A 21 4.01 1.30 2.25
CA VAL A 21 4.84 2.10 3.20
C VAL A 21 5.69 1.16 4.03
N TYR A 22 6.96 1.45 4.16
CA TYR A 22 7.82 0.57 4.99
C TYR A 22 7.43 0.77 6.46
N ALA A 23 7.21 -0.29 7.20
CA ALA A 23 6.83 -0.14 8.63
C ALA A 23 8.11 -0.01 9.48
N TRP A 24 8.67 1.16 9.52
CA TRP A 24 9.93 1.37 10.29
C TRP A 24 9.77 0.89 11.76
N TYR A 25 8.62 1.09 12.35
CA TYR A 25 8.45 0.68 13.78
C TYR A 25 8.40 -0.86 13.89
N ASN A 26 7.96 -1.55 12.88
CA ASN A 26 7.90 -3.04 12.95
C ASN A 26 8.49 -3.63 11.68
N GLN A 27 9.15 -2.82 10.90
CA GLN A 27 9.79 -3.30 9.64
C GLN A 27 8.72 -3.78 8.65
N GLN A 28 9.12 -4.53 7.65
CA GLN A 28 8.15 -5.02 6.63
C GLN A 28 7.49 -3.83 5.93
N SER A 29 6.53 -4.08 5.08
CA SER A 29 5.85 -2.96 4.36
C SER A 29 4.34 -3.17 4.45
N SER A 30 3.61 -2.24 4.99
CA SER A 30 2.14 -2.38 5.11
C SER A 30 1.44 -1.34 4.25
N CYS A 31 0.77 -1.76 3.22
CA CYS A 31 0.07 -0.78 2.35
C CYS A 31 -1.08 -0.11 3.13
N GLU A 32 -1.34 1.14 2.84
CA GLU A 32 -2.44 1.86 3.56
C GLU A 32 -3.17 2.79 2.57
N ARG A 33 -4.42 3.07 2.81
CA ARG A 33 -5.17 3.96 1.87
C ARG A 33 -4.38 5.26 1.63
N LYS A 34 -4.56 5.89 0.50
CA LYS A 34 -3.81 7.14 0.22
C LYS A 34 -4.34 7.77 -1.07
N TRP A 35 -5.57 8.21 -1.07
CA TRP A 35 -6.15 8.84 -2.31
C TRP A 35 -6.63 10.25 -2.01
N LYS A 36 -7.06 10.48 -0.82
CA LYS A 36 -7.55 11.84 -0.42
C LYS A 36 -8.62 12.34 -1.40
N TYR A 37 -8.82 11.67 -2.50
CA TYR A 37 -9.86 12.11 -3.47
C TYR A 37 -11.05 11.16 -3.41
N LEU A 38 -11.13 10.37 -2.38
CA LEU A 38 -12.26 9.41 -2.23
C LEU A 38 -12.05 8.22 -3.17
N PHE A 39 -11.72 8.48 -4.41
CA PHE A 39 -11.48 7.38 -5.41
C PHE A 39 -11.56 6.00 -4.73
N THR A 40 -10.43 5.48 -4.32
CA THR A 40 -10.40 4.15 -3.65
C THR A 40 -11.41 3.18 -4.30
N GLY A 41 -11.93 2.24 -3.54
CA GLY A 41 -12.91 1.27 -4.10
C GLY A 41 -12.20 0.02 -4.61
N GLU A 42 -11.68 -0.79 -3.72
CA GLU A 42 -10.95 -2.03 -4.12
C GLU A 42 -10.08 -1.76 -5.35
N CYS A 43 -8.89 -2.29 -5.40
CA CYS A 43 -8.04 -2.05 -6.59
C CYS A 43 -8.73 -2.63 -7.82
N CYS A 1 -0.21 -8.62 -4.04
CA CYS A 1 -0.31 -7.18 -3.63
C CYS A 1 -0.94 -7.09 -2.24
N GLY A 2 -0.39 -6.29 -1.36
CA GLY A 2 -0.98 -6.17 0.01
C GLY A 2 -2.26 -5.31 -0.03
N SER A 3 -3.19 -5.58 0.85
CA SER A 3 -4.47 -4.79 0.88
C SER A 3 -4.50 -3.92 2.14
N LYS A 4 -5.66 -3.43 2.51
CA LYS A 4 -5.79 -2.58 3.72
C LYS A 4 -5.29 -3.32 4.97
N ARG A 5 -4.08 -3.82 4.91
CA ARG A 5 -3.49 -4.55 6.07
C ARG A 5 -2.75 -5.79 5.55
N ALA A 6 -1.59 -5.59 4.99
CA ALA A 6 -0.83 -6.77 4.47
C ALA A 6 0.55 -6.33 3.97
N TRP A 7 1.52 -7.20 4.12
CA TRP A 7 2.92 -6.88 3.70
C TRP A 7 2.97 -6.29 2.28
N CYS A 8 3.96 -5.47 2.05
CA CYS A 8 4.14 -4.81 0.72
C CYS A 8 5.51 -5.17 0.13
N LYS A 9 5.64 -5.15 -1.18
CA LYS A 9 6.97 -5.46 -1.82
C LYS A 9 7.54 -4.17 -2.44
N GLU A 10 6.67 -3.28 -2.86
CA GLU A 10 7.15 -1.99 -3.46
C GLU A 10 5.96 -1.05 -3.61
N LYS A 11 6.18 0.06 -4.25
CA LYS A 11 5.08 1.06 -4.41
C LYS A 11 3.95 0.54 -5.31
N LYS A 12 4.25 0.01 -6.46
CA LYS A 12 3.16 -0.49 -7.36
C LYS A 12 2.78 -1.92 -6.94
N ASP A 13 3.57 -2.50 -6.09
CA ASP A 13 3.29 -3.87 -5.62
C ASP A 13 2.08 -3.85 -4.68
N CYS A 14 1.56 -2.70 -4.37
CA CYS A 14 0.38 -2.66 -3.46
C CYS A 14 -0.89 -2.85 -4.28
N CYS A 15 -1.90 -3.43 -3.69
CA CYS A 15 -3.15 -3.66 -4.44
C CYS A 15 -3.67 -2.32 -4.96
N CYS A 16 -4.31 -2.34 -6.09
CA CYS A 16 -4.85 -1.09 -6.67
C CYS A 16 -5.69 -0.37 -5.61
N GLY A 17 -5.50 0.91 -5.46
CA GLY A 17 -6.29 1.67 -4.45
C GLY A 17 -5.50 1.76 -3.13
N TYR A 18 -4.33 1.17 -3.10
CA TYR A 18 -3.51 1.21 -1.85
C TYR A 18 -2.06 1.56 -2.18
N ASN A 19 -1.38 2.20 -1.25
CA ASN A 19 0.05 2.56 -1.48
C ASN A 19 0.89 1.63 -0.61
N CYS A 20 2.16 1.28 -0.97
CA CYS A 20 2.98 0.49 -0.15
C CYS A 20 3.87 1.39 0.72
N VAL A 21 4.03 1.05 1.96
CA VAL A 21 4.87 1.90 2.86
C VAL A 21 5.82 1.04 3.70
N TYR A 22 7.04 1.48 3.85
CA TYR A 22 8.01 0.71 4.67
C TYR A 22 7.56 0.77 6.14
N ALA A 23 6.99 -0.30 6.62
CA ALA A 23 6.51 -0.35 8.04
C ALA A 23 7.62 -0.93 8.90
N TRP A 24 7.26 -1.39 10.07
CA TRP A 24 8.28 -1.97 10.99
C TRP A 24 9.68 -1.60 10.50
N TYR A 25 10.22 -0.54 11.03
CA TYR A 25 11.57 -0.07 10.64
C TYR A 25 12.58 -1.23 10.66
N ASN A 26 12.12 -2.40 10.95
CA ASN A 26 13.05 -3.56 10.99
C ASN A 26 13.28 -4.06 9.56
N GLN A 27 12.23 -4.39 8.87
CA GLN A 27 12.37 -4.88 7.47
C GLN A 27 10.99 -5.36 6.96
N GLN A 28 9.95 -4.67 7.34
CA GLN A 28 8.57 -5.08 6.91
C GLN A 28 7.89 -3.95 6.14
N SER A 29 6.92 -4.29 5.32
CA SER A 29 6.18 -3.25 4.54
C SER A 29 4.68 -3.53 4.67
N SER A 30 3.85 -2.52 4.60
CA SER A 30 2.40 -2.75 4.72
C SER A 30 1.63 -1.81 3.79
N CYS A 31 0.64 -2.33 3.10
CA CYS A 31 -0.18 -1.48 2.19
C CYS A 31 -0.98 -0.45 3.01
N GLU A 32 -1.15 0.73 2.49
CA GLU A 32 -1.93 1.76 3.24
C GLU A 32 -2.66 2.68 2.24
N ARG A 33 -3.88 3.04 2.53
CA ARG A 33 -4.65 3.94 1.61
C ARG A 33 -3.87 5.26 1.42
N LYS A 34 -4.33 6.15 0.56
CA LYS A 34 -3.61 7.42 0.37
C LYS A 34 -4.32 8.27 -0.70
N TRP A 35 -5.11 9.22 -0.28
CA TRP A 35 -5.82 10.11 -1.25
C TRP A 35 -5.41 11.56 -1.02
N LYS A 36 -5.75 12.43 -1.94
CA LYS A 36 -5.37 13.88 -1.83
C LYS A 36 -3.93 14.05 -2.29
N TYR A 37 -3.24 12.96 -2.48
CA TYR A 37 -1.82 13.05 -2.93
C TYR A 37 -1.78 13.46 -4.40
N LEU A 38 -2.50 14.51 -4.76
CA LEU A 38 -2.54 15.01 -6.16
C LEU A 38 -3.77 14.44 -6.88
N PHE A 39 -4.46 15.25 -7.63
CA PHE A 39 -5.67 14.77 -8.36
C PHE A 39 -5.29 13.65 -9.33
N THR A 40 -4.47 12.72 -8.92
CA THR A 40 -4.08 11.61 -9.85
C THR A 40 -5.24 10.64 -9.99
N GLY A 41 -5.18 9.76 -10.96
CA GLY A 41 -6.29 8.78 -11.15
C GLY A 41 -6.48 7.99 -9.86
N GLU A 42 -7.35 7.01 -9.88
CA GLU A 42 -7.59 6.19 -8.65
C GLU A 42 -7.68 4.72 -9.04
N CYS A 43 -7.61 3.84 -8.07
CA CYS A 43 -7.70 2.39 -8.38
C CYS A 43 -8.43 1.68 -7.23
N CYS A 1 -0.96 -8.91 -4.21
CA CYS A 1 -1.00 -7.46 -3.92
C CYS A 1 -1.41 -7.23 -2.46
N GLY A 2 -0.61 -6.54 -1.68
CA GLY A 2 -1.02 -6.30 -0.27
C GLY A 2 -2.10 -5.22 -0.24
N SER A 3 -3.24 -5.52 0.31
CA SER A 3 -4.33 -4.50 0.39
C SER A 3 -4.31 -3.90 1.79
N LYS A 4 -5.13 -2.90 2.05
CA LYS A 4 -5.15 -2.29 3.42
C LYS A 4 -4.66 -3.36 4.41
N ARG A 5 -3.70 -3.04 5.24
CA ARG A 5 -3.19 -4.06 6.19
C ARG A 5 -2.63 -5.26 5.40
N ALA A 6 -1.41 -5.17 4.94
CA ALA A 6 -0.81 -6.31 4.17
C ALA A 6 0.58 -5.94 3.64
N TRP A 7 1.54 -6.78 3.91
CA TRP A 7 2.93 -6.55 3.44
C TRP A 7 2.95 -6.07 1.97
N CYS A 8 3.69 -5.05 1.70
CA CYS A 8 3.79 -4.51 0.29
C CYS A 8 5.23 -4.73 -0.21
N LYS A 9 5.40 -5.20 -1.41
CA LYS A 9 6.79 -5.42 -1.92
C LYS A 9 7.30 -4.16 -2.63
N GLU A 10 6.43 -3.46 -3.32
CA GLU A 10 6.84 -2.19 -4.02
C GLU A 10 5.65 -1.23 -4.01
N LYS A 11 5.86 -0.06 -4.54
CA LYS A 11 4.77 0.96 -4.62
C LYS A 11 3.61 0.42 -5.48
N LYS A 12 3.89 -0.17 -6.60
CA LYS A 12 2.86 -0.75 -7.46
C LYS A 12 2.44 -2.15 -6.99
N ASP A 13 3.21 -2.76 -6.15
CA ASP A 13 2.86 -4.14 -5.68
C ASP A 13 1.65 -4.12 -4.75
N CYS A 14 1.17 -2.98 -4.35
CA CYS A 14 -0.02 -2.97 -3.48
C CYS A 14 -1.25 -2.96 -4.37
N CYS A 15 -2.27 -3.64 -3.97
CA CYS A 15 -3.48 -3.69 -4.82
C CYS A 15 -3.92 -2.26 -5.16
N CYS A 16 -4.50 -2.11 -6.31
CA CYS A 16 -4.95 -0.77 -6.74
C CYS A 16 -5.74 -0.10 -5.63
N GLY A 17 -5.27 1.02 -5.18
CA GLY A 17 -5.95 1.76 -4.09
C GLY A 17 -5.15 1.62 -2.79
N TYR A 18 -4.06 0.91 -2.83
CA TYR A 18 -3.21 0.74 -1.62
C TYR A 18 -1.75 1.03 -1.99
N ASN A 19 -0.98 1.62 -1.10
CA ASN A 19 0.45 1.93 -1.43
C ASN A 19 1.39 1.20 -0.48
N CYS A 20 2.66 1.19 -0.78
CA CYS A 20 3.65 0.48 0.08
C CYS A 20 4.16 1.44 1.17
N VAL A 21 4.11 1.02 2.40
CA VAL A 21 4.60 1.90 3.52
C VAL A 21 5.60 1.13 4.37
N TYR A 22 6.74 1.73 4.64
CA TYR A 22 7.74 1.02 5.47
C TYR A 22 7.26 0.98 6.92
N ALA A 23 7.06 -0.20 7.46
CA ALA A 23 6.62 -0.30 8.87
C ALA A 23 7.85 -0.38 9.76
N TRP A 24 8.28 0.74 10.28
CA TRP A 24 9.50 0.75 11.13
C TRP A 24 9.37 -0.27 12.26
N TYR A 25 8.22 -0.41 12.85
CA TYR A 25 8.09 -1.41 13.96
C TYR A 25 8.06 -2.81 13.33
N ASN A 26 8.76 -3.74 13.93
CA ASN A 26 8.81 -5.11 13.35
C ASN A 26 9.29 -5.03 11.89
N GLN A 27 9.81 -3.90 11.50
CA GLN A 27 10.31 -3.75 10.10
C GLN A 27 9.24 -4.21 9.10
N GLN A 28 9.64 -4.61 7.91
CA GLN A 28 8.65 -5.06 6.88
C GLN A 28 7.73 -3.90 6.51
N SER A 29 7.36 -3.84 5.26
CA SER A 29 6.43 -2.76 4.80
C SER A 29 5.03 -3.29 4.68
N SER A 30 4.05 -2.43 4.76
CA SER A 30 2.64 -2.90 4.67
C SER A 30 1.83 -1.99 3.76
N CYS A 31 0.99 -2.58 2.95
CA CYS A 31 0.14 -1.76 2.04
C CYS A 31 -0.86 -0.96 2.87
N GLU A 32 -1.23 0.22 2.41
CA GLU A 32 -2.22 1.03 3.18
C GLU A 32 -3.12 1.77 2.18
N ARG A 33 -4.39 1.84 2.47
CA ARG A 33 -5.31 2.54 1.54
C ARG A 33 -4.97 4.02 1.45
N LYS A 34 -5.33 4.63 0.36
CA LYS A 34 -5.06 6.08 0.18
C LYS A 34 -6.00 6.63 -0.89
N TRP A 35 -7.24 6.72 -0.59
CA TRP A 35 -8.22 7.22 -1.58
C TRP A 35 -8.77 8.58 -1.13
N LYS A 36 -8.75 9.53 -2.03
CA LYS A 36 -9.27 10.88 -1.68
C LYS A 36 -10.73 10.74 -1.29
N TYR A 37 -11.39 9.85 -1.95
CA TYR A 37 -12.84 9.58 -1.68
C TYR A 37 -13.47 8.98 -2.94
N LEU A 38 -12.69 8.30 -3.73
CA LEU A 38 -13.23 7.69 -4.98
C LEU A 38 -12.11 6.92 -5.70
N PHE A 39 -12.41 6.38 -6.85
CA PHE A 39 -11.40 5.59 -7.63
C PHE A 39 -9.98 6.09 -7.39
N THR A 40 -9.13 5.25 -6.88
CA THR A 40 -7.71 5.65 -6.65
C THR A 40 -6.92 5.54 -7.96
N GLY A 41 -7.56 5.82 -9.06
CA GLY A 41 -6.85 5.71 -10.37
C GLY A 41 -6.67 4.24 -10.73
N GLU A 42 -5.50 3.85 -11.16
CA GLU A 42 -5.27 2.42 -11.52
C GLU A 42 -3.91 1.97 -11.00
N CYS A 43 -3.76 0.69 -10.76
CA CYS A 43 -2.47 0.17 -10.23
C CYS A 43 -1.62 -0.34 -11.40
N CYS A 1 -1.22 -8.82 -4.73
CA CYS A 1 -0.76 -7.53 -4.14
C CYS A 1 -1.28 -7.40 -2.70
N GLY A 2 -0.60 -6.66 -1.87
CA GLY A 2 -1.07 -6.49 -0.46
C GLY A 2 -2.31 -5.59 -0.42
N SER A 3 -3.18 -5.80 0.53
CA SER A 3 -4.42 -4.95 0.64
C SER A 3 -4.27 -3.97 1.80
N LYS A 4 -5.32 -3.28 2.16
CA LYS A 4 -5.24 -2.30 3.29
C LYS A 4 -4.33 -2.85 4.38
N ARG A 5 -3.29 -2.14 4.72
CA ARG A 5 -2.40 -2.62 5.80
C ARG A 5 -2.07 -4.07 5.50
N ALA A 6 -1.06 -4.29 4.72
CA ALA A 6 -0.69 -5.69 4.34
C ALA A 6 0.63 -5.67 3.55
N TRP A 7 1.59 -6.42 4.04
CA TRP A 7 2.95 -6.50 3.40
C TRP A 7 2.90 -6.17 1.89
N CYS A 8 3.92 -5.50 1.40
CA CYS A 8 3.96 -5.15 -0.06
C CYS A 8 5.31 -5.52 -0.67
N LYS A 9 5.33 -5.71 -1.97
CA LYS A 9 6.61 -6.02 -2.66
C LYS A 9 7.26 -4.68 -3.04
N GLU A 10 6.45 -3.76 -3.48
CA GLU A 10 6.93 -2.39 -3.90
C GLU A 10 5.74 -1.40 -3.88
N LYS A 11 5.96 -0.20 -4.34
CA LYS A 11 4.87 0.82 -4.35
C LYS A 11 3.80 0.42 -5.37
N LYS A 12 4.21 0.02 -6.54
CA LYS A 12 3.24 -0.37 -7.60
C LYS A 12 2.72 -1.79 -7.35
N ASP A 13 3.34 -2.51 -6.46
CA ASP A 13 2.91 -3.90 -6.19
C ASP A 13 1.77 -3.94 -5.16
N CYS A 14 1.29 -2.82 -4.69
CA CYS A 14 0.18 -2.87 -3.70
C CYS A 14 -1.14 -2.97 -4.47
N CYS A 15 -2.08 -3.70 -3.95
CA CYS A 15 -3.37 -3.85 -4.64
C CYS A 15 -3.94 -2.46 -4.91
N CYS A 16 -4.51 -2.27 -6.06
CA CYS A 16 -5.10 -0.94 -6.38
C CYS A 16 -5.69 -0.34 -5.10
N GLY A 17 -5.70 0.97 -4.96
CA GLY A 17 -6.25 1.58 -3.72
C GLY A 17 -5.30 1.41 -2.53
N TYR A 18 -4.16 0.81 -2.72
CA TYR A 18 -3.24 0.64 -1.56
C TYR A 18 -1.78 0.97 -1.94
N ASN A 19 -0.98 1.32 -0.96
CA ASN A 19 0.44 1.71 -1.23
C ASN A 19 1.39 0.96 -0.28
N CYS A 20 2.68 1.01 -0.52
CA CYS A 20 3.65 0.30 0.37
C CYS A 20 4.09 1.22 1.51
N VAL A 21 3.65 0.96 2.70
CA VAL A 21 4.02 1.81 3.88
C VAL A 21 5.09 1.09 4.72
N TYR A 22 6.13 1.78 5.11
CA TYR A 22 7.17 1.12 5.94
C TYR A 22 6.59 0.79 7.31
N ALA A 23 6.94 -0.35 7.85
CA ALA A 23 6.40 -0.74 9.19
C ALA A 23 7.25 -0.14 10.30
N TRP A 24 7.34 -0.80 11.39
CA TRP A 24 8.15 -0.26 12.52
C TRP A 24 8.22 -1.28 13.66
N TYR A 25 7.11 -1.84 14.08
CA TYR A 25 7.19 -2.85 15.17
C TYR A 25 7.45 -4.22 14.56
N ASN A 26 6.92 -4.46 13.38
CA ASN A 26 7.16 -5.77 12.71
C ASN A 26 8.07 -5.55 11.49
N GLN A 27 8.65 -4.38 11.37
CA GLN A 27 9.57 -4.11 10.22
C GLN A 27 8.87 -4.40 8.88
N GLN A 28 9.64 -4.45 7.82
CA GLN A 28 9.04 -4.72 6.47
C GLN A 28 8.09 -3.58 6.10
N SER A 29 7.31 -3.76 5.07
CA SER A 29 6.37 -2.69 4.64
C SER A 29 4.98 -3.29 4.42
N SER A 30 3.94 -2.54 4.69
CA SER A 30 2.56 -3.05 4.49
C SER A 30 1.78 -2.04 3.64
N CYS A 31 0.91 -2.52 2.78
CA CYS A 31 0.14 -1.58 1.92
C CYS A 31 -0.84 -0.78 2.78
N GLU A 32 -1.13 0.44 2.42
CA GLU A 32 -2.09 1.27 3.21
C GLU A 32 -2.85 2.22 2.30
N ARG A 33 -4.08 2.55 2.66
CA ARG A 33 -4.90 3.46 1.80
C ARG A 33 -4.18 4.82 1.65
N LYS A 34 -4.12 5.35 0.46
CA LYS A 34 -3.40 6.63 0.24
C LYS A 34 -4.30 7.83 0.48
N TRP A 35 -5.53 7.64 0.86
CA TRP A 35 -6.41 8.83 1.05
C TRP A 35 -6.35 9.62 -0.26
N LYS A 36 -6.85 10.82 -0.28
CA LYS A 36 -6.76 11.65 -1.51
C LYS A 36 -7.05 13.09 -1.17
N TYR A 37 -8.00 13.31 -0.33
CA TYR A 37 -8.34 14.70 0.06
C TYR A 37 -9.59 14.72 0.92
N LEU A 38 -10.40 13.70 0.84
CA LEU A 38 -11.64 13.66 1.64
C LEU A 38 -12.21 12.23 1.68
N PHE A 39 -13.49 12.09 1.96
CA PHE A 39 -14.10 10.73 2.02
C PHE A 39 -13.87 9.99 0.71
N THR A 40 -14.05 10.66 -0.38
CA THR A 40 -13.82 9.99 -1.69
C THR A 40 -12.33 9.78 -1.89
N GLY A 41 -11.96 8.82 -2.69
CA GLY A 41 -10.51 8.54 -2.92
C GLY A 41 -10.26 7.03 -2.85
N GLU A 42 -11.30 6.24 -2.96
CA GLU A 42 -11.12 4.76 -2.90
C GLU A 42 -11.03 4.23 -4.33
N CYS A 43 -9.98 3.50 -4.64
CA CYS A 43 -9.83 2.96 -6.02
C CYS A 43 -10.93 1.93 -6.30
N CYS A 1 -1.57 -9.24 -3.78
CA CYS A 1 -0.84 -7.99 -3.37
C CYS A 1 -1.20 -7.64 -1.91
N GLY A 2 -0.42 -6.78 -1.29
CA GLY A 2 -0.70 -6.43 0.13
C GLY A 2 -2.10 -5.82 0.30
N SER A 3 -2.21 -4.52 0.18
CA SER A 3 -3.52 -3.81 0.35
C SER A 3 -3.76 -3.46 1.83
N LYS A 4 -4.92 -2.97 2.13
CA LYS A 4 -5.26 -2.58 3.54
C LYS A 4 -4.77 -3.67 4.50
N ARG A 5 -3.99 -3.29 5.50
CA ARG A 5 -3.44 -4.29 6.46
C ARG A 5 -2.88 -5.45 5.63
N ALA A 6 -1.69 -5.29 5.12
CA ALA A 6 -1.12 -6.36 4.26
C ALA A 6 0.29 -5.98 3.80
N TRP A 7 1.23 -6.84 4.03
CA TRP A 7 2.65 -6.58 3.63
C TRP A 7 2.75 -6.19 2.15
N CYS A 8 3.56 -5.22 1.90
CA CYS A 8 3.78 -4.76 0.45
C CYS A 8 5.28 -4.87 0.10
N LYS A 9 5.64 -4.70 -1.15
CA LYS A 9 7.09 -4.75 -1.50
C LYS A 9 7.47 -3.42 -2.16
N GLU A 10 6.58 -2.88 -2.92
CA GLU A 10 6.82 -1.57 -3.58
C GLU A 10 5.48 -0.87 -3.70
N LYS A 11 5.47 0.37 -4.05
CA LYS A 11 4.17 1.09 -4.18
C LYS A 11 3.31 0.37 -5.21
N LYS A 12 3.94 -0.35 -6.10
CA LYS A 12 3.18 -1.09 -7.15
C LYS A 12 2.89 -2.54 -6.71
N ASP A 13 3.78 -3.15 -5.96
CA ASP A 13 3.57 -4.57 -5.54
C ASP A 13 2.33 -4.68 -4.63
N CYS A 14 1.77 -3.57 -4.27
CA CYS A 14 0.56 -3.60 -3.41
C CYS A 14 -0.69 -3.56 -4.28
N CYS A 15 -1.82 -3.95 -3.76
CA CYS A 15 -3.04 -3.95 -4.57
C CYS A 15 -3.28 -2.55 -5.12
N CYS A 16 -3.69 -2.47 -6.35
CA CYS A 16 -3.91 -1.13 -6.95
C CYS A 16 -4.91 -0.36 -6.09
N GLY A 17 -4.58 0.85 -5.72
CA GLY A 17 -5.51 1.67 -4.89
C GLY A 17 -5.02 1.70 -3.44
N TYR A 18 -3.97 0.98 -3.12
CA TYR A 18 -3.46 0.99 -1.72
C TYR A 18 -2.03 1.55 -1.70
N ASN A 19 -1.70 2.32 -0.71
CA ASN A 19 -0.33 2.92 -0.65
C ASN A 19 0.58 1.97 0.14
N CYS A 20 1.82 1.86 -0.25
CA CYS A 20 2.75 0.95 0.44
C CYS A 20 3.48 1.66 1.58
N VAL A 21 3.58 1.00 2.71
CA VAL A 21 4.30 1.60 3.87
C VAL A 21 5.50 0.71 4.20
N TYR A 22 6.67 1.11 3.79
CA TYR A 22 7.89 0.29 4.07
C TYR A 22 8.25 0.41 5.55
N ALA A 23 8.15 -0.67 6.29
CA ALA A 23 8.48 -0.60 7.75
C ALA A 23 9.94 -1.03 7.99
N TRP A 24 10.84 -0.10 7.94
CA TRP A 24 12.27 -0.42 8.19
C TRP A 24 12.40 -1.18 9.51
N TYR A 25 11.32 -1.39 10.22
CA TYR A 25 11.39 -2.10 11.52
C TYR A 25 11.94 -3.51 11.31
N ASN A 26 11.41 -4.23 10.36
CA ASN A 26 11.91 -5.61 10.11
C ASN A 26 11.69 -5.95 8.64
N GLN A 27 12.04 -5.05 7.75
CA GLN A 27 11.86 -5.32 6.29
C GLN A 27 10.42 -5.75 6.00
N GLN A 28 9.47 -5.16 6.67
CA GLN A 28 8.04 -5.54 6.43
C GLN A 28 7.26 -4.30 5.97
N SER A 29 6.79 -4.30 4.75
CA SER A 29 6.01 -3.13 4.25
C SER A 29 4.52 -3.40 4.44
N SER A 30 3.68 -2.42 4.21
CA SER A 30 2.22 -2.65 4.35
C SER A 30 1.47 -1.84 3.30
N CYS A 31 0.22 -1.56 3.54
CA CYS A 31 -0.57 -0.79 2.55
C CYS A 31 -1.87 -0.27 3.17
N GLU A 32 -2.23 0.95 2.86
CA GLU A 32 -3.49 1.55 3.40
C GLU A 32 -4.10 2.47 2.34
N ARG A 33 -5.41 2.51 2.24
CA ARG A 33 -6.06 3.38 1.20
C ARG A 33 -5.65 4.84 1.34
N LYS A 34 -4.88 5.34 0.42
CA LYS A 34 -4.47 6.75 0.45
C LYS A 34 -4.15 7.17 -0.99
N TRP A 35 -5.11 7.00 -1.87
CA TRP A 35 -4.87 7.35 -3.31
C TRP A 35 -5.73 8.53 -3.75
N LYS A 36 -6.70 8.90 -2.97
CA LYS A 36 -7.57 10.08 -3.32
C LYS A 36 -7.89 10.01 -4.86
N TYR A 37 -7.58 8.93 -5.54
CA TYR A 37 -7.87 8.85 -7.00
C TYR A 37 -9.06 7.91 -7.22
N LEU A 38 -10.11 8.09 -6.47
CA LEU A 38 -11.30 7.21 -6.62
C LEU A 38 -11.88 7.38 -8.02
N PHE A 39 -11.77 8.56 -8.56
CA PHE A 39 -12.32 8.81 -9.92
C PHE A 39 -11.74 7.78 -10.88
N THR A 40 -10.46 7.56 -10.80
CA THR A 40 -9.81 6.54 -11.69
C THR A 40 -10.14 5.14 -11.16
N GLY A 41 -10.00 4.13 -11.96
CA GLY A 41 -10.32 2.74 -11.48
C GLY A 41 -9.07 1.86 -11.51
N GLU A 42 -7.92 2.43 -11.72
CA GLU A 42 -6.67 1.60 -11.74
C GLU A 42 -5.56 2.34 -10.98
N CYS A 43 -4.39 1.77 -10.96
CA CYS A 43 -3.26 2.43 -10.25
C CYS A 43 -1.97 2.19 -11.03
N CYS A 1 -1.02 -9.25 -4.11
CA CYS A 1 -0.94 -7.78 -3.88
C CYS A 1 -1.28 -7.47 -2.42
N GLY A 2 -0.46 -6.70 -1.75
CA GLY A 2 -0.76 -6.38 -0.33
C GLY A 2 -1.64 -5.13 -0.25
N SER A 3 -2.86 -5.27 0.22
CA SER A 3 -3.76 -4.07 0.34
C SER A 3 -3.62 -3.53 1.77
N LYS A 4 -4.57 -2.77 2.25
CA LYS A 4 -4.42 -2.25 3.63
C LYS A 4 -4.00 -3.40 4.54
N ARG A 5 -3.22 -3.13 5.56
CA ARG A 5 -2.75 -4.21 6.46
C ARG A 5 -2.41 -5.46 5.62
N ALA A 6 -1.26 -5.44 5.00
CA ALA A 6 -0.83 -6.58 4.14
C ALA A 6 0.55 -6.28 3.55
N TRP A 7 1.49 -7.17 3.75
CA TRP A 7 2.88 -6.95 3.24
C TRP A 7 2.87 -6.44 1.78
N CYS A 8 3.67 -5.43 1.52
CA CYS A 8 3.77 -4.87 0.13
C CYS A 8 5.25 -4.92 -0.31
N LYS A 9 5.51 -5.33 -1.51
CA LYS A 9 6.92 -5.39 -2.00
C LYS A 9 7.33 -3.98 -2.48
N GLU A 10 6.42 -3.32 -3.14
CA GLU A 10 6.69 -1.95 -3.63
C GLU A 10 5.35 -1.26 -3.82
N LYS A 11 5.38 -0.04 -4.22
CA LYS A 11 4.10 0.69 -4.43
C LYS A 11 3.26 -0.08 -5.46
N LYS A 12 3.87 -0.51 -6.52
CA LYS A 12 3.11 -1.25 -7.57
C LYS A 12 2.69 -2.64 -7.06
N ASP A 13 3.52 -3.30 -6.28
CA ASP A 13 3.14 -4.67 -5.78
C ASP A 13 1.87 -4.61 -4.95
N CYS A 14 1.56 -3.47 -4.40
CA CYS A 14 0.33 -3.39 -3.56
C CYS A 14 -0.87 -3.27 -4.46
N CYS A 15 -1.96 -3.88 -4.09
CA CYS A 15 -3.16 -3.84 -4.95
C CYS A 15 -3.48 -2.40 -5.32
N CYS A 16 -3.51 -2.12 -6.59
CA CYS A 16 -3.81 -0.74 -7.04
C CYS A 16 -4.88 -0.12 -6.14
N GLY A 17 -4.71 1.13 -5.78
CA GLY A 17 -5.72 1.79 -4.89
C GLY A 17 -5.21 1.83 -3.44
N TYR A 18 -4.19 1.06 -3.13
CA TYR A 18 -3.66 1.06 -1.73
C TYR A 18 -2.27 1.71 -1.69
N ASN A 19 -1.93 2.31 -0.56
CA ASN A 19 -0.60 2.99 -0.44
C ASN A 19 0.39 2.07 0.26
N CYS A 20 1.58 1.92 -0.28
CA CYS A 20 2.60 1.03 0.35
C CYS A 20 3.37 1.80 1.43
N VAL A 21 3.71 1.16 2.51
CA VAL A 21 4.46 1.84 3.59
C VAL A 21 5.60 0.91 4.04
N TYR A 22 6.74 1.44 4.37
CA TYR A 22 7.86 0.56 4.82
C TYR A 22 8.09 0.78 6.32
N ALA A 23 7.80 -0.20 7.14
CA ALA A 23 8.03 -0.01 8.60
C ALA A 23 9.45 -0.45 8.95
N TRP A 24 10.38 0.46 8.96
CA TRP A 24 11.77 0.09 9.29
C TRP A 24 11.79 -0.63 10.66
N TYR A 25 10.99 -0.21 11.60
CA TYR A 25 10.99 -0.89 12.93
C TYR A 25 10.61 -2.35 12.74
N ASN A 26 9.58 -2.63 11.99
CA ASN A 26 9.18 -4.04 11.77
C ASN A 26 9.86 -4.55 10.50
N GLN A 27 10.52 -3.69 9.80
CA GLN A 27 11.22 -4.10 8.54
C GLN A 27 10.19 -4.70 7.57
N GLN A 28 8.93 -4.63 7.91
CA GLN A 28 7.88 -5.19 7.00
C GLN A 28 7.07 -4.04 6.38
N SER A 29 6.78 -4.12 5.12
CA SER A 29 5.98 -3.04 4.48
C SER A 29 4.52 -3.44 4.51
N SER A 30 3.63 -2.49 4.69
CA SER A 30 2.19 -2.82 4.72
C SER A 30 1.39 -1.71 4.05
N CYS A 31 0.55 -2.05 3.12
CA CYS A 31 -0.26 -1.01 2.42
C CYS A 31 -1.30 -0.42 3.37
N GLU A 32 -1.81 0.74 3.04
CA GLU A 32 -2.83 1.39 3.92
C GLU A 32 -3.84 2.16 3.03
N ARG A 33 -5.07 2.13 3.38
CA ARG A 33 -6.06 2.93 2.62
C ARG A 33 -5.81 4.41 2.91
N LYS A 34 -5.70 5.23 1.91
CA LYS A 34 -5.46 6.68 2.15
C LYS A 34 -5.89 7.48 0.92
N TRP A 35 -6.82 6.97 0.15
CA TRP A 35 -7.29 7.70 -1.07
C TRP A 35 -8.76 8.07 -0.91
N LYS A 36 -9.36 7.69 0.18
CA LYS A 36 -10.80 7.98 0.40
C LYS A 36 -11.08 9.47 0.16
N TYR A 37 -10.04 10.25 0.04
CA TYR A 37 -10.24 11.71 -0.22
C TYR A 37 -9.72 12.03 -1.63
N LEU A 38 -10.00 11.19 -2.58
CA LEU A 38 -9.56 11.43 -3.97
C LEU A 38 -10.63 10.89 -4.93
N PHE A 39 -10.71 11.43 -6.11
CA PHE A 39 -11.74 10.95 -7.09
C PHE A 39 -11.71 9.42 -7.11
N THR A 40 -12.78 8.81 -6.67
CA THR A 40 -12.86 7.32 -6.64
C THR A 40 -11.46 6.73 -6.39
N GLY A 41 -10.95 5.98 -7.33
CA GLY A 41 -9.61 5.38 -7.15
C GLY A 41 -9.01 4.99 -8.51
N GLU A 42 -9.84 4.67 -9.48
CA GLU A 42 -9.29 4.27 -10.82
C GLU A 42 -8.00 3.49 -10.62
N CYS A 43 -8.08 2.32 -10.06
CA CYS A 43 -6.85 1.52 -9.81
C CYS A 43 -7.15 0.04 -10.01
#